data_7PDF
#
_entry.id   7PDF
#
_cell.length_a   1.00
_cell.length_b   1.00
_cell.length_c   1.00
_cell.angle_alpha   90.00
_cell.angle_beta   90.00
_cell.angle_gamma   90.00
#
_symmetry.space_group_name_H-M   'P 1'
#
loop_
_entity.id
_entity.type
_entity.pdbx_description
1 polymer 'Adenylate cyclase 9'
2 polymer 'Guanine nucleotide-binding protein G(s) subunit alpha isoforms short'
3 non-polymer "5'-GUANOSINE-DIPHOSPHATE-MONOTHIOPHOSPHATE"
4 non-polymer 'MAGNESIUM ION'
#
loop_
_entity_poly.entity_id
_entity_poly.type
_entity_poly.pdbx_seq_one_letter_code
_entity_poly.pdbx_strand_id
1 'polypeptide(L)'
;MASPPHQQLLQHHSTEVSCDSSGDSNSVRVRINPKQPSSNSHPKHCKYSISSSCSSSGDSGGVPRRMGAGGRLRRRKKLP
QLFERASSRWWDPKFDSVNLEEACMERCFPQTQRRFRYALFYIGFACLLWSIYFGVHMKSKLIVMVAPALCFLVVCVGFF
LFTFTKLYARHYVWTSLVLTLLVFALTLAAQFQVLTPLSGRVDNFNHTRAARPTDTCLSQVGSFSMCIEVLFLLYTVMHL
PLYLSLILGVAYSVLFETFGYHFQDEACFASPGAEALHWELLSRALLHLCIHAIGIHLFIMSQVRSRSTFLKVGQSIMHG
KDLEVEKALKERMIHSVMPRIIADDLMKQGDEESENSVKRHATSSPKNRKKKSSIQKAPIAFRPFKMQQIEEVSILFADI
VGFTKMSANKSAHALVGLLNDLFGRFDRLCEETKCEKISTLGDCYYCVAGCPEPRADHAYCCIEMGLGMIRAIEQFCQEK
KEMVNMRVGVHTGTVLCGILGMRRFKFDVWSNDVNLANLMEQLGVAGKVHISEATAKYLDDRYEMEDGKVTERLGQSVVA
DQLKGLKTYLIAGQRAKESHCSCSEALLSGFEVLDGSRVSSGPRGQGTASPGSVSDLAQTVKTFDNLKTCPSCGITFTPK
PEAGAEGGAVQNGCQEEPKNSAKASGGPSSKTQNGLLSPPPEEKLTNSQTSLCEILQEKGRWAGVSLDQSALLPLRFKNI
REKTDAHFVDVIKEDSLMKDYFFKPPINQFSLNFLDPELERAYRTSYQEEVVKSSPVRTFASATFSSLLDVLLSTTVFLI
LSITCFLRYGAASTPPPPAALAVFGAALLLEILSLVVSVRMVFFLEDVMTCTKRLLEWIAGWLPRHFIGAILVSLPALAV
YSHVTSEFETNIHSTMFTGSAVLTAVVQYCNFCQLSSWMRSSLATVVGAGPLLLLLYVSLCPDSSTVISHLDAVQNFSST
RKLCNASLPHDGRSPASLIGQEVILVFFLLLLLVWFLNREFEVSYRLHYHGDVEADLHRTKIQSMRDQADWLLRNIIPYH
VAEQLKVSQTYSKNHDSGGVIFASIVNFSEFYEENYEGGKECYRVLNELIGDFDELLSKPDYSSIEKIKTIGATYMAASG
LNATQCRDGSHPQEHLQILFEFAKEMMRVVDDFNNNMLWFNFKLRVGFNHGPLTAGVIGTTKLLYDIWGDTVNIASRMDT
TGVECRIQVSEESYRVLSKMGYEFDYRGTVNVKGKGQMKTYLYPKCTDSGLVPQHQLSISPDIRVQVDGSIGRSPTDEIA
SLVPSVQNPDQVPPGSENNAQTRDAHPSAKRPWKEPVRAEERCRFGKAIEKSDCEEVGMEEANELTKLNVSERA
;
A
2 'polypeptide(L)'
;MGCLGNSKTEDQRNEEKAQREANKKIEKQLQKDKQVYRATHRLLLLGAGESGKSTIVKQMRILHVNGFNGGEGGEEDPNA
AKSNSDGEKATKVQDIKNNLKEAIETIVAAMSNLVPPVELANPENQFRVDYILSVMNVPDFDFPPEFYEHAKALWEDEGV
RACYERSNEYQLIDCAQYFLDKIDVIKQDDYVPSDQDLLRCRVLTSGIFETKFQVDKVNFHMFDVGGQRDERRKWIQCFN
DVTAIIFVVASSSYNMVIREDNQTNRLQEALNLFKSIWNNRWLRTISVILFLNKQDLLAEKVLAGKSKIEDYFPEFARYT
TPEDATPEPGEDPRVTRAKYFIRDEFLRISTASGDGRHYCYPHFTCAVDTENIRRVFNDCRDIIQRMHLRQYELLGGHHH
HHHHH
;
B
#
loop_
_chem_comp.id
_chem_comp.type
_chem_comp.name
_chem_comp.formula
GSP non-polymer 5'-GUANOSINE-DIPHOSPHATE-MONOTHIOPHOSPHATE 'C10 H16 N5 O13 P3 S'
MG non-polymer 'MAGNESIUM ION' 'Mg 2'
#
# COMPACT_ATOMS: atom_id res chain seq x y z
N GLY A 320 -0.04 35.11 31.73
CA GLY A 320 -0.82 36.31 31.57
C GLY A 320 -1.42 36.41 30.19
N LYS A 321 -1.24 37.56 29.55
CA LYS A 321 -1.66 37.76 28.19
C LYS A 321 -0.72 37.12 27.17
N ASP A 322 0.54 36.91 27.56
CA ASP A 322 1.56 36.38 26.66
C ASP A 322 1.14 35.06 26.00
N LEU A 323 0.09 34.42 26.51
CA LEU A 323 -0.38 33.21 25.85
C LEU A 323 -0.72 33.46 24.40
N GLU A 324 -1.39 34.57 24.09
CA GLU A 324 -1.67 34.83 22.69
C GLU A 324 -0.40 35.02 21.89
N VAL A 325 0.68 35.48 22.52
CA VAL A 325 1.95 35.56 21.81
C VAL A 325 2.43 34.16 21.45
N GLU A 326 2.39 33.24 22.41
CA GLU A 326 2.82 31.90 22.08
C GLU A 326 1.89 31.25 21.06
N LYS A 327 0.61 31.59 21.09
CA LYS A 327 -0.27 31.05 20.07
C LYS A 327 0.02 31.65 18.70
N ALA A 328 0.45 32.91 18.67
CA ALA A 328 0.91 33.46 17.40
C ALA A 328 2.12 32.70 16.90
N LEU A 329 3.03 32.34 17.79
CA LEU A 329 4.19 31.56 17.38
C LEU A 329 3.76 30.22 16.81
N LYS A 330 2.90 29.50 17.53
CA LYS A 330 2.41 28.23 17.02
C LYS A 330 1.69 28.38 15.70
N GLU A 331 1.01 29.50 15.50
CA GLU A 331 0.33 29.72 14.23
C GLU A 331 1.34 29.93 13.12
N ARG A 332 2.41 30.68 13.38
CA ARG A 332 3.49 30.78 12.42
C ARG A 332 4.05 29.41 12.08
N MET A 333 4.30 28.60 13.10
CA MET A 333 4.85 27.27 12.88
C MET A 333 3.94 26.45 11.96
N ILE A 334 2.65 26.38 12.26
CA ILE A 334 1.73 25.66 11.37
C ILE A 334 1.80 26.24 9.97
N HIS A 335 1.63 27.56 9.84
CA HIS A 335 1.67 28.16 8.52
C HIS A 335 2.99 27.95 7.80
N SER A 336 3.99 27.40 8.48
CA SER A 336 5.26 27.07 7.84
C SER A 336 5.41 25.59 7.55
N VAL A 337 4.34 24.80 7.68
CA VAL A 337 4.45 23.38 7.36
C VAL A 337 3.24 22.92 6.55
N MET A 338 2.21 23.75 6.44
CA MET A 338 0.99 23.35 5.76
C MET A 338 0.41 24.56 5.06
N PRO A 339 -0.36 24.35 3.99
CA PRO A 339 -0.87 25.47 3.21
C PRO A 339 -1.76 26.39 4.06
N ARG A 340 -1.89 27.62 3.60
CA ARG A 340 -2.77 28.58 4.26
C ARG A 340 -4.14 27.98 4.51
N ILE A 341 -4.69 27.30 3.50
CA ILE A 341 -6.05 26.80 3.59
C ILE A 341 -6.17 25.81 4.75
N ILE A 342 -5.40 24.73 4.71
CA ILE A 342 -5.51 23.72 5.75
C ILE A 342 -4.90 24.23 7.05
N ALA A 343 -4.09 25.28 7.01
CA ALA A 343 -3.61 25.87 8.26
C ALA A 343 -4.75 26.53 9.01
N ASP A 344 -5.59 27.27 8.30
CA ASP A 344 -6.76 27.85 8.95
C ASP A 344 -7.81 26.80 9.24
N ASP A 345 -7.87 25.75 8.42
CA ASP A 345 -8.79 24.64 8.69
C ASP A 345 -8.45 23.97 10.01
N LEU A 346 -7.18 23.73 10.27
CA LEU A 346 -6.76 23.21 11.57
C LEU A 346 -6.87 24.25 12.66
N MET A 347 -7.38 25.44 12.36
CA MET A 347 -7.62 26.47 13.36
C MET A 347 -9.09 26.61 13.71
N LYS A 348 -9.88 25.54 13.54
CA LYS A 348 -11.20 25.44 14.15
C LYS A 348 -11.20 24.46 15.31
N GLN A 349 -10.18 23.59 15.39
CA GLN A 349 -9.96 22.66 16.51
C GLN A 349 -11.26 22.01 16.99
N GLY A 350 -12.11 21.62 16.04
CA GLY A 350 -13.28 20.83 16.37
C GLY A 350 -12.90 19.38 16.64
N ASP A 351 -12.41 18.70 15.62
CA ASP A 351 -11.84 17.36 15.79
C ASP A 351 -10.46 17.48 16.43
N GLU A 352 -10.34 17.05 17.68
CA GLU A 352 -9.10 17.14 18.43
C GLU A 352 -8.28 15.86 18.36
N GLU A 353 -8.37 15.11 17.25
CA GLU A 353 -7.60 13.88 17.12
C GLU A 353 -6.13 14.16 16.88
N SER A 354 -5.81 15.25 16.16
CA SER A 354 -4.44 15.74 16.17
C SER A 354 -4.06 16.29 17.54
N GLU A 355 -5.03 16.84 18.28
CA GLU A 355 -4.76 17.22 19.67
C GLU A 355 -4.43 16.00 20.51
N ASN A 356 -4.98 14.84 20.14
CA ASN A 356 -4.58 13.58 20.75
C ASN A 356 -3.32 13.00 20.13
N SER A 357 -2.87 13.53 18.99
CA SER A 357 -1.52 13.22 18.53
C SER A 357 -0.48 14.01 19.30
N VAL A 358 -0.81 15.23 19.72
CA VAL A 358 0.11 16.03 20.52
C VAL A 358 0.32 15.37 21.88
N LYS A 359 -0.77 14.97 22.53
CA LYS A 359 -0.74 14.44 23.89
C LYS A 359 -0.25 13.00 23.92
N ILE A 380 -5.45 3.79 18.31
CA ILE A 380 -4.08 3.40 18.62
C ILE A 380 -3.62 2.31 17.66
N ALA A 381 -4.58 1.63 17.02
CA ALA A 381 -4.24 0.55 16.09
C ALA A 381 -3.60 1.10 14.81
N PHE A 382 -4.37 1.83 14.02
CA PHE A 382 -3.84 2.57 12.88
C PHE A 382 -3.52 4.00 13.29
N ARG A 383 -2.27 4.40 13.09
CA ARG A 383 -1.94 5.80 13.29
C ARG A 383 -2.84 6.67 12.42
N PRO A 384 -3.22 7.84 12.89
CA PRO A 384 -4.14 8.69 12.13
C PRO A 384 -3.43 9.59 11.14
N PHE A 385 -4.07 9.79 9.99
CA PHE A 385 -3.51 10.69 8.98
C PHE A 385 -4.62 11.09 8.02
N LYS A 386 -4.44 12.24 7.37
CA LYS A 386 -5.44 12.83 6.50
C LYS A 386 -4.83 13.03 5.12
N MET A 387 -5.43 12.44 4.09
CA MET A 387 -4.91 12.55 2.74
C MET A 387 -6.06 12.64 1.74
N GLN A 388 -6.23 13.82 1.15
CA GLN A 388 -7.28 14.06 0.17
C GLN A 388 -6.78 13.67 -1.20
N GLN A 389 -7.58 12.94 -1.95
CA GLN A 389 -7.20 12.54 -3.31
C GLN A 389 -7.82 13.53 -4.28
N ILE A 390 -7.04 14.52 -4.70
CA ILE A 390 -7.54 15.65 -5.48
C ILE A 390 -7.14 15.47 -6.93
N GLU A 391 -8.08 15.64 -7.85
CA GLU A 391 -7.79 15.57 -9.26
C GLU A 391 -7.68 16.98 -9.85
N GLU A 392 -7.09 17.05 -11.04
CA GLU A 392 -6.98 18.29 -11.80
C GLU A 392 -6.13 19.32 -11.06
N VAL A 393 -4.87 18.95 -10.84
CA VAL A 393 -3.86 19.83 -10.28
C VAL A 393 -2.59 19.64 -11.10
N SER A 394 -1.81 20.70 -11.19
CA SER A 394 -0.55 20.71 -11.91
C SER A 394 0.57 20.55 -10.89
N ILE A 395 1.70 19.99 -11.34
CA ILE A 395 2.89 19.86 -10.52
C ILE A 395 4.04 20.45 -11.32
N LEU A 396 4.90 21.21 -10.64
CA LEU A 396 6.01 21.89 -11.28
C LEU A 396 7.26 21.70 -10.46
N PHE A 397 8.25 21.01 -11.02
CA PHE A 397 9.56 20.89 -10.40
C PHE A 397 10.53 21.83 -11.10
N ALA A 398 11.62 22.14 -10.40
CA ALA A 398 12.65 22.98 -10.98
C ALA A 398 13.95 22.75 -10.23
N ASP A 399 14.97 22.25 -10.91
CA ASP A 399 16.26 22.00 -10.29
C ASP A 399 17.28 23.00 -10.81
N ILE A 400 18.06 23.58 -9.90
CA ILE A 400 19.23 24.32 -10.31
C ILE A 400 20.10 23.43 -11.18
N VAL A 401 20.44 23.92 -12.36
CA VAL A 401 21.39 23.26 -13.23
C VAL A 401 22.78 23.69 -12.82
N GLY A 402 23.71 22.75 -12.77
CA GLY A 402 25.05 23.07 -12.32
C GLY A 402 25.09 23.56 -10.89
N PHE A 403 24.39 22.88 -9.99
CA PHE A 403 24.35 23.35 -8.62
C PHE A 403 25.71 23.20 -7.95
N THR A 404 26.24 21.99 -7.92
CA THR A 404 27.51 21.75 -7.21
C THR A 404 28.61 22.62 -7.77
N LYS A 405 28.62 22.81 -9.09
CA LYS A 405 29.61 23.68 -9.71
C LYS A 405 29.52 25.09 -9.15
N MET A 406 28.36 25.46 -8.61
CA MET A 406 28.24 26.73 -7.91
C MET A 406 28.61 26.60 -6.44
N SER A 407 28.13 25.55 -5.78
CA SER A 407 28.39 25.35 -4.36
C SER A 407 29.77 24.80 -4.10
N ALA A 408 30.69 24.90 -5.06
CA ALA A 408 32.04 24.38 -4.88
C ALA A 408 32.71 24.99 -3.66
N ASN A 409 32.98 26.29 -3.69
CA ASN A 409 33.78 26.93 -2.66
C ASN A 409 33.07 28.10 -2.00
N LYS A 410 31.81 27.92 -1.61
CA LYS A 410 31.16 28.97 -0.85
C LYS A 410 31.54 28.85 0.62
N SER A 411 31.21 29.88 1.38
CA SER A 411 31.65 29.99 2.77
C SER A 411 30.87 29.10 3.72
N ALA A 412 30.09 28.16 3.19
CA ALA A 412 29.16 27.34 3.98
C ALA A 412 28.09 28.18 4.64
N HIS A 413 28.10 29.46 4.39
CA HIS A 413 27.12 30.41 4.85
C HIS A 413 26.62 31.32 3.74
N ALA A 414 27.49 31.73 2.83
CA ALA A 414 27.02 32.46 1.66
C ALA A 414 26.17 31.57 0.77
N LEU A 415 26.41 30.26 0.83
CA LEU A 415 25.56 29.32 0.10
C LEU A 415 24.11 29.43 0.56
N VAL A 416 23.89 29.35 1.87
CA VAL A 416 22.55 29.55 2.41
C VAL A 416 22.04 30.94 2.08
N GLY A 417 22.91 31.95 2.07
CA GLY A 417 22.46 33.29 1.74
C GLY A 417 21.88 33.37 0.34
N LEU A 418 22.67 32.97 -0.66
CA LEU A 418 22.18 33.02 -2.03
C LEU A 418 20.99 32.10 -2.24
N LEU A 419 20.98 30.95 -1.57
CA LEU A 419 19.89 30.02 -1.79
C LEU A 419 18.59 30.55 -1.21
N ASN A 420 18.64 31.15 -0.03
CA ASN A 420 17.47 31.80 0.50
C ASN A 420 17.03 32.94 -0.38
N ASP A 421 17.98 33.69 -0.96
CA ASP A 421 17.59 34.73 -1.90
C ASP A 421 16.80 34.14 -3.06
N LEU A 422 17.31 33.04 -3.61
CA LEU A 422 16.66 32.43 -4.77
C LEU A 422 15.26 31.95 -4.42
N PHE A 423 15.14 31.15 -3.36
CA PHE A 423 13.83 30.63 -2.99
C PHE A 423 12.91 31.73 -2.48
N GLY A 424 13.46 32.84 -2.01
CA GLY A 424 12.61 33.95 -1.63
C GLY A 424 12.02 34.63 -2.83
N ARG A 425 12.82 34.84 -3.87
CA ARG A 425 12.26 35.25 -5.14
C ARG A 425 11.19 34.27 -5.60
N PHE A 426 11.44 32.98 -5.41
CA PHE A 426 10.50 31.97 -5.85
C PHE A 426 9.18 32.05 -5.08
N ASP A 427 9.25 32.27 -3.77
CA ASP A 427 8.03 32.40 -2.99
C ASP A 427 7.28 33.68 -3.34
N ARG A 428 8.01 34.76 -3.56
CA ARG A 428 7.40 35.98 -4.06
C ARG A 428 6.62 35.71 -5.33
N LEU A 429 7.21 34.93 -6.23
CA LEU A 429 6.51 34.57 -7.45
C LEU A 429 5.32 33.66 -7.17
N CYS A 430 5.43 32.76 -6.19
CA CYS A 430 4.30 31.92 -5.84
C CYS A 430 3.09 32.77 -5.46
N GLU A 431 3.29 33.74 -4.57
CA GLU A 431 2.16 34.59 -4.22
C GLU A 431 1.71 35.43 -5.39
N GLU A 432 2.65 35.87 -6.24
CA GLU A 432 2.24 36.63 -7.42
C GLU A 432 1.37 35.80 -8.34
N THR A 433 1.63 34.50 -8.40
CA THR A 433 1.06 33.61 -9.40
C THR A 433 0.02 32.67 -8.80
N LYS A 434 -0.23 32.77 -7.50
CA LYS A 434 -1.32 32.01 -6.86
C LYS A 434 -1.11 30.51 -7.03
N CYS A 435 -0.02 30.01 -6.46
CA CYS A 435 0.38 28.62 -6.58
C CYS A 435 1.13 28.22 -5.33
N GLU A 436 0.81 27.04 -4.79
CA GLU A 436 1.31 26.64 -3.50
C GLU A 436 2.63 25.90 -3.64
N LYS A 437 3.71 26.47 -3.14
CA LYS A 437 4.94 25.70 -3.08
C LYS A 437 4.75 24.55 -2.10
N ILE A 438 5.64 23.57 -2.18
CA ILE A 438 5.51 22.45 -1.25
C ILE A 438 6.77 22.27 -0.41
N SER A 439 7.93 22.24 -1.06
CA SER A 439 9.16 22.05 -0.32
C SER A 439 10.33 22.32 -1.27
N THR A 440 11.55 22.12 -0.79
CA THR A 440 12.74 22.29 -1.60
C THR A 440 13.61 21.06 -1.35
N LEU A 441 13.53 20.09 -2.25
CA LEU A 441 14.28 18.84 -2.13
C LEU A 441 15.73 19.14 -2.45
N GLY A 442 16.49 19.57 -1.45
CA GLY A 442 17.90 19.85 -1.68
C GLY A 442 18.07 20.97 -2.68
N ASP A 443 18.46 20.64 -3.91
CA ASP A 443 18.53 21.62 -4.98
C ASP A 443 17.21 21.83 -5.68
N CYS A 444 16.32 20.84 -5.63
CA CYS A 444 15.07 20.92 -6.38
C CYS A 444 14.02 21.70 -5.60
N TYR A 445 13.14 22.36 -6.33
CA TYR A 445 12.10 23.21 -5.77
C TYR A 445 10.80 22.89 -6.50
N TYR A 446 9.70 22.69 -5.77
CA TYR A 446 8.52 22.30 -6.52
C TYR A 446 7.24 22.77 -5.88
N CYS A 447 6.21 22.91 -6.72
CA CYS A 447 4.95 23.53 -6.36
C CYS A 447 3.79 22.79 -7.01
N VAL A 448 2.60 23.02 -6.47
CA VAL A 448 1.36 22.52 -7.04
C VAL A 448 0.42 23.70 -7.23
N ALA A 449 -0.38 23.62 -8.30
CA ALA A 449 -1.28 24.71 -8.68
C ALA A 449 -2.67 24.44 -8.12
N GLY A 450 -2.88 24.84 -6.88
CA GLY A 450 -4.18 24.75 -6.27
C GLY A 450 -4.65 23.33 -6.06
N CYS A 451 -4.00 22.61 -5.17
CA CYS A 451 -4.60 21.35 -4.77
C CYS A 451 -5.64 21.62 -3.69
N PRO A 452 -5.37 22.43 -2.64
CA PRO A 452 -6.40 22.61 -1.63
C PRO A 452 -7.60 23.35 -2.21
N GLU A 453 -7.35 24.51 -2.81
CA GLU A 453 -8.39 25.29 -3.44
C GLU A 453 -8.29 25.12 -4.93
N PRO A 454 -9.15 24.31 -5.55
CA PRO A 454 -8.97 23.98 -6.96
C PRO A 454 -9.09 25.22 -7.83
N ARG A 455 -8.60 25.08 -9.06
CA ARG A 455 -8.66 26.12 -10.06
C ARG A 455 -8.86 25.48 -11.42
N ALA A 456 -9.32 26.27 -12.39
CA ALA A 456 -9.47 25.79 -13.75
C ALA A 456 -8.38 26.30 -14.68
N ASP A 457 -7.74 27.41 -14.34
CA ASP A 457 -6.61 27.92 -15.09
C ASP A 457 -5.29 27.39 -14.56
N HIS A 458 -5.33 26.32 -13.77
CA HIS A 458 -4.15 25.92 -13.01
C HIS A 458 -2.96 25.63 -13.92
N ALA A 459 -3.19 25.13 -15.13
CA ALA A 459 -2.08 24.94 -16.06
C ALA A 459 -1.41 26.27 -16.39
N TYR A 460 -2.22 27.28 -16.69
CA TYR A 460 -1.68 28.62 -16.88
C TYR A 460 -0.87 29.04 -15.66
N CYS A 461 -1.48 28.96 -14.47
CA CYS A 461 -0.78 29.41 -13.26
C CYS A 461 0.55 28.70 -13.13
N CYS A 462 0.56 27.39 -13.31
CA CYS A 462 1.78 26.60 -13.13
C CYS A 462 2.86 27.01 -14.10
N ILE A 463 2.57 26.93 -15.40
CA ILE A 463 3.65 27.19 -16.35
C ILE A 463 4.02 28.67 -16.39
N GLU A 464 3.10 29.56 -16.04
CA GLU A 464 3.49 30.96 -15.91
C GLU A 464 4.43 31.15 -14.75
N MET A 465 4.19 30.46 -13.64
CA MET A 465 5.19 30.49 -12.57
C MET A 465 6.50 29.91 -13.05
N GLY A 466 6.45 28.89 -13.89
CA GLY A 466 7.67 28.35 -14.44
C GLY A 466 8.46 29.39 -15.21
N LEU A 467 7.78 30.10 -16.11
CA LEU A 467 8.43 31.15 -16.87
C LEU A 467 8.97 32.24 -15.96
N GLY A 468 8.21 32.61 -14.94
CA GLY A 468 8.71 33.58 -13.99
C GLY A 468 9.95 33.09 -13.28
N MET A 469 9.99 31.80 -12.97
CA MET A 469 11.16 31.23 -12.32
C MET A 469 12.37 31.27 -13.23
N ILE A 470 12.14 31.01 -14.52
CA ILE A 470 13.22 31.19 -15.49
C ILE A 470 13.73 32.62 -15.46
N ARG A 471 12.81 33.58 -15.48
CA ARG A 471 13.23 34.98 -15.43
C ARG A 471 14.02 35.27 -14.16
N ALA A 472 13.56 34.76 -13.02
CA ALA A 472 14.23 35.05 -11.76
C ALA A 472 15.61 34.44 -11.70
N ILE A 473 15.76 33.20 -12.16
CA ILE A 473 17.09 32.60 -12.14
C ILE A 473 17.99 33.27 -13.16
N GLU A 474 17.42 33.76 -14.27
CA GLU A 474 18.24 34.50 -15.22
C GLU A 474 18.73 35.80 -14.62
N GLN A 475 17.88 36.47 -13.84
CA GLN A 475 18.29 37.72 -13.22
C GLN A 475 19.30 37.48 -12.11
N PHE A 476 19.13 36.41 -11.34
CA PHE A 476 20.15 36.05 -10.36
C PHE A 476 21.46 35.68 -11.04
N CYS A 477 21.40 35.11 -12.24
CA CYS A 477 22.60 34.71 -12.95
C CYS A 477 23.47 35.92 -13.27
N GLN A 478 22.86 37.05 -13.59
CA GLN A 478 23.56 38.26 -13.96
C GLN A 478 23.53 39.31 -12.85
N GLU A 479 23.09 38.94 -11.66
CA GLU A 479 23.14 39.82 -10.49
C GLU A 479 24.30 39.45 -9.58
N LYS A 480 24.32 38.20 -9.11
CA LYS A 480 25.44 37.69 -8.35
C LYS A 480 26.56 37.15 -9.23
N LYS A 481 26.32 37.08 -10.55
CA LYS A 481 27.23 36.45 -11.51
C LYS A 481 27.56 35.02 -11.08
N GLU A 482 26.55 34.17 -11.14
CA GLU A 482 26.70 32.73 -10.96
C GLU A 482 26.18 32.04 -12.21
N MET A 483 26.90 31.01 -12.65
CA MET A 483 26.58 30.34 -13.90
C MET A 483 25.64 29.16 -13.62
N VAL A 484 24.43 29.49 -13.17
CA VAL A 484 23.42 28.48 -12.84
C VAL A 484 22.06 28.92 -13.34
N ASN A 485 21.53 28.21 -14.33
CA ASN A 485 20.13 28.27 -14.70
C ASN A 485 19.43 27.04 -14.14
N MET A 486 18.13 26.94 -14.34
CA MET A 486 17.41 25.85 -13.68
C MET A 486 16.41 25.22 -14.63
N ARG A 487 16.47 23.90 -14.72
CA ARG A 487 15.55 23.18 -15.60
C ARG A 487 14.22 22.99 -14.91
N VAL A 488 13.15 23.09 -15.69
CA VAL A 488 11.78 23.16 -15.18
C VAL A 488 10.97 22.05 -15.82
N GLY A 489 10.10 21.42 -15.04
CA GLY A 489 9.24 20.38 -15.58
C GLY A 489 7.84 20.48 -15.03
N VAL A 490 6.84 20.24 -15.87
CA VAL A 490 5.44 20.40 -15.47
C VAL A 490 4.65 19.18 -15.93
N HIS A 491 3.78 18.69 -15.06
CA HIS A 491 2.86 17.62 -15.43
C HIS A 491 1.56 17.77 -14.66
N THR A 492 0.44 17.56 -15.34
CA THR A 492 -0.85 17.77 -14.73
C THR A 492 -1.58 16.46 -14.56
N GLY A 493 -2.54 16.46 -13.66
CA GLY A 493 -3.28 15.23 -13.40
C GLY A 493 -3.77 15.22 -11.96
N THR A 494 -3.94 14.00 -11.44
CA THR A 494 -4.44 13.84 -10.10
C THR A 494 -3.32 13.46 -9.14
N VAL A 495 -3.40 14.02 -7.94
CA VAL A 495 -2.43 13.80 -6.89
C VAL A 495 -3.20 13.63 -5.60
N LEU A 496 -2.69 12.84 -4.67
CA LEU A 496 -3.28 12.80 -3.36
C LEU A 496 -2.33 13.51 -2.40
N CYS A 497 -2.87 14.53 -1.74
CA CYS A 497 -2.09 15.44 -0.93
C CYS A 497 -2.43 15.23 0.54
N GLY A 498 -1.40 15.21 1.38
CA GLY A 498 -1.61 15.00 2.80
C GLY A 498 -0.31 14.94 3.56
N ILE A 499 -0.38 14.38 4.76
CA ILE A 499 0.74 14.31 5.67
C ILE A 499 1.01 12.85 6.00
N LEU A 500 2.26 12.42 5.85
CA LEU A 500 2.66 11.13 6.37
C LEU A 500 3.90 11.30 7.21
N GLY A 501 3.99 10.50 8.26
CA GLY A 501 5.08 10.54 9.20
C GLY A 501 4.66 11.19 10.51
N MET A 502 5.47 10.95 11.54
CA MET A 502 5.30 11.61 12.83
C MET A 502 6.38 12.64 13.09
N ARG A 503 7.63 12.34 12.76
CA ARG A 503 8.71 13.30 12.90
C ARG A 503 9.00 13.98 11.57
N ARG A 504 9.07 15.30 11.60
CA ARG A 504 9.27 16.11 10.41
C ARG A 504 8.18 15.82 9.37
N PHE A 505 6.92 15.90 9.80
CA PHE A 505 5.83 15.78 8.86
C PHE A 505 5.61 17.11 8.16
N LYS A 506 5.30 17.04 6.87
CA LYS A 506 5.02 18.24 6.10
C LYS A 506 3.97 17.89 5.07
N PHE A 507 3.05 18.82 4.85
CA PHE A 507 2.09 18.67 3.77
C PHE A 507 2.84 18.40 2.48
N ASP A 508 2.46 17.34 1.77
CA ASP A 508 3.13 16.95 0.55
C ASP A 508 2.12 16.33 -0.40
N VAL A 509 2.59 15.94 -1.58
CA VAL A 509 1.75 15.34 -2.61
C VAL A 509 2.36 14.02 -3.04
N TRP A 510 1.50 13.10 -3.48
CA TRP A 510 1.98 11.80 -3.95
C TRP A 510 1.06 11.28 -5.04
N SER A 511 1.64 10.59 -6.01
CA SER A 511 0.88 9.94 -7.07
C SER A 511 1.85 9.16 -7.94
N ASN A 512 1.34 8.64 -9.05
CA ASN A 512 2.21 8.37 -10.19
C ASN A 512 2.45 9.63 -10.98
N ASP A 513 1.57 10.63 -10.83
CA ASP A 513 1.73 11.88 -11.56
C ASP A 513 2.84 12.74 -10.97
N VAL A 514 2.98 12.75 -9.65
CA VAL A 514 4.08 13.48 -9.04
C VAL A 514 5.41 12.95 -9.54
N ASN A 515 5.64 11.65 -9.39
CA ASN A 515 6.88 11.06 -9.89
C ASN A 515 7.04 11.32 -11.37
N LEU A 516 5.93 11.42 -12.10
CA LEU A 516 6.03 11.65 -13.52
C LEU A 516 6.53 13.06 -13.81
N ALA A 517 5.99 14.05 -13.13
CA ALA A 517 6.53 15.41 -13.24
C ALA A 517 7.99 15.43 -12.85
N ASN A 518 8.35 14.65 -11.83
CA ASN A 518 9.75 14.57 -11.42
C ASN A 518 10.63 14.09 -12.55
N LEU A 519 10.30 12.97 -13.17
CA LEU A 519 11.16 12.46 -14.22
C LEU A 519 11.16 13.40 -15.42
N MET A 520 10.00 14.00 -15.74
CA MET A 520 9.95 14.90 -16.88
C MET A 520 10.77 16.16 -16.66
N GLU A 521 10.87 16.61 -15.42
CA GLU A 521 11.89 17.61 -15.12
C GLU A 521 13.27 17.02 -15.31
N GLN A 522 13.49 15.78 -14.87
CA GLN A 522 14.81 15.17 -15.03
C GLN A 522 15.18 15.05 -16.50
N LEU A 523 14.19 14.99 -17.39
CA LEU A 523 14.44 14.92 -18.82
C LEU A 523 14.24 16.27 -19.49
N GLY A 524 14.20 17.35 -18.72
CA GLY A 524 13.94 18.67 -19.24
C GLY A 524 15.23 19.44 -19.46
N VAL A 525 15.40 19.96 -20.67
CA VAL A 525 16.60 20.71 -21.00
C VAL A 525 16.52 22.09 -20.35
N ALA A 526 17.67 22.56 -19.86
CA ALA A 526 17.72 23.72 -18.98
C ALA A 526 17.06 24.94 -19.63
N GLY A 527 16.62 25.86 -18.78
CA GLY A 527 16.11 27.12 -19.23
C GLY A 527 14.70 27.11 -19.79
N LYS A 528 14.21 25.97 -20.27
CA LYS A 528 12.89 25.92 -20.88
C LYS A 528 12.03 24.91 -20.15
N VAL A 529 10.76 25.24 -19.96
CA VAL A 529 9.85 24.39 -19.22
C VAL A 529 9.49 23.18 -20.07
N HIS A 530 9.69 22.00 -19.51
CA HIS A 530 9.45 20.73 -20.18
C HIS A 530 8.11 20.22 -19.71
N ILE A 531 7.12 20.24 -20.60
CA ILE A 531 5.76 19.92 -20.22
C ILE A 531 5.37 18.59 -20.86
N SER A 532 4.22 18.08 -20.44
CA SER A 532 3.73 16.78 -20.89
C SER A 532 2.60 16.95 -21.89
N GLU A 533 2.22 15.83 -22.50
CA GLU A 533 0.97 15.78 -23.22
C GLU A 533 -0.20 16.09 -22.30
N ALA A 534 -0.13 15.64 -21.04
CA ALA A 534 -1.25 15.78 -20.14
C ALA A 534 -1.50 17.22 -19.73
N THR A 535 -0.54 18.11 -19.96
CA THR A 535 -0.83 19.51 -19.72
C THR A 535 -1.02 20.29 -21.01
N ALA A 536 -0.43 19.81 -22.10
CA ALA A 536 -0.72 20.40 -23.40
C ALA A 536 -2.14 20.13 -23.84
N LYS A 537 -2.72 19.01 -23.39
CA LYS A 537 -4.07 18.65 -23.79
C LYS A 537 -5.09 19.68 -23.35
N TYR A 538 -4.72 20.61 -22.47
CA TYR A 538 -5.56 21.78 -22.27
C TYR A 538 -4.73 23.03 -22.00
N LEU A 539 -3.55 23.12 -22.62
CA LEU A 539 -2.81 24.37 -22.55
C LEU A 539 -3.52 25.46 -23.34
N ASP A 540 -4.36 25.09 -24.30
CA ASP A 540 -5.11 26.03 -25.13
C ASP A 540 -4.17 26.85 -26.02
N ASP A 541 -2.95 26.35 -26.20
CA ASP A 541 -2.00 26.84 -27.20
C ASP A 541 -1.74 28.34 -27.09
N ARG A 542 -1.98 28.94 -25.92
CA ARG A 542 -1.77 30.36 -25.71
C ARG A 542 -0.31 30.68 -25.44
N TYR A 543 0.58 29.71 -25.68
CA TYR A 543 2.00 29.89 -25.45
C TYR A 543 2.75 29.39 -26.67
N GLU A 544 4.04 29.68 -26.71
CA GLU A 544 4.86 29.33 -27.87
C GLU A 544 5.10 27.82 -27.84
N MET A 545 4.10 27.09 -28.34
CA MET A 545 4.18 25.64 -28.39
C MET A 545 5.41 25.22 -29.19
N GLU A 546 6.20 24.30 -28.62
CA GLU A 546 7.41 23.82 -29.26
C GLU A 546 7.56 22.35 -28.93
N ASP A 547 7.32 21.49 -29.91
CA ASP A 547 7.32 20.05 -29.65
C ASP A 547 8.76 19.62 -29.41
N GLY A 548 9.14 19.54 -28.13
CA GLY A 548 10.46 19.13 -27.77
C GLY A 548 10.57 17.65 -27.48
N LYS A 549 11.05 16.88 -28.44
CA LYS A 549 11.33 15.48 -28.21
C LYS A 549 12.49 15.35 -27.24
N VAL A 550 12.61 14.18 -26.66
CA VAL A 550 13.83 13.83 -25.95
C VAL A 550 14.88 13.47 -26.99
N THR A 551 16.14 13.79 -26.68
CA THR A 551 17.24 13.51 -27.59
C THR A 551 17.54 12.03 -27.68
N GLU A 552 16.67 11.19 -27.13
CA GLU A 552 16.87 9.76 -27.09
C GLU A 552 15.62 9.04 -27.58
N LEU A 566 5.62 9.86 -24.54
CA LEU A 566 4.23 10.15 -24.20
C LEU A 566 3.84 11.54 -24.70
N LYS A 567 4.50 11.96 -25.78
CA LYS A 567 4.24 13.25 -26.42
C LYS A 567 4.45 14.40 -25.43
N THR A 568 5.70 14.53 -25.00
CA THR A 568 6.13 15.66 -24.22
C THR A 568 6.44 16.83 -25.14
N TYR A 569 6.29 18.05 -24.63
CA TYR A 569 6.57 19.25 -25.38
C TYR A 569 7.51 20.13 -24.58
N LEU A 570 7.98 21.19 -25.21
CA LEU A 570 8.81 22.19 -24.57
C LEU A 570 8.21 23.57 -24.80
N ILE A 571 8.27 24.41 -23.78
CA ILE A 571 7.84 25.79 -23.88
C ILE A 571 8.97 26.66 -23.34
N ALA A 572 9.09 27.87 -23.87
CA ALA A 572 10.04 28.82 -23.35
C ALA A 572 9.51 30.24 -23.26
N GLY A 573 8.27 30.49 -23.68
CA GLY A 573 7.71 31.82 -23.58
C GLY A 573 6.40 31.92 -24.33
N GLN A 574 5.94 33.16 -24.48
CA GLN A 574 4.68 33.48 -25.16
C GLN A 574 3.50 32.76 -24.54
N THR A 1020 -0.77 27.44 34.25
CA THR A 1020 -2.19 27.55 33.99
C THR A 1020 -2.50 26.90 32.65
N LYS A 1021 -3.52 27.40 31.95
CA LYS A 1021 -3.92 26.82 30.67
C LYS A 1021 -2.86 26.97 29.61
N ILE A 1022 -1.89 27.88 29.80
CA ILE A 1022 -0.89 28.11 28.77
C ILE A 1022 0.01 26.92 28.59
N GLN A 1023 0.29 26.16 29.66
CA GLN A 1023 1.35 25.17 29.57
C GLN A 1023 1.09 24.20 28.44
N SER A 1024 -0.17 23.84 28.22
CA SER A 1024 -0.51 23.05 27.05
C SER A 1024 -0.09 23.77 25.77
N MET A 1025 -0.31 25.09 25.70
CA MET A 1025 -0.03 25.80 24.47
C MET A 1025 1.46 25.93 24.22
N ARG A 1026 2.22 26.30 25.24
CA ARG A 1026 3.66 26.35 25.05
C ARG A 1026 4.21 24.96 24.76
N ASP A 1027 3.58 23.92 25.31
CA ASP A 1027 4.00 22.57 24.97
C ASP A 1027 3.76 22.27 23.50
N GLN A 1028 2.57 22.60 23.00
CA GLN A 1028 2.26 22.33 21.61
C GLN A 1028 3.19 23.09 20.68
N ALA A 1029 3.44 24.36 20.98
CA ALA A 1029 4.32 25.14 20.11
C ALA A 1029 5.76 24.65 20.19
N ASP A 1030 6.25 24.30 21.38
CA ASP A 1030 7.58 23.72 21.48
C ASP A 1030 7.66 22.44 20.67
N TRP A 1031 6.61 21.61 20.68
CA TRP A 1031 6.67 20.38 19.91
C TRP A 1031 6.69 20.67 18.42
N LEU A 1032 5.83 21.58 17.95
CA LEU A 1032 5.85 21.89 16.53
C LEU A 1032 7.18 22.47 16.11
N LEU A 1033 7.84 23.23 16.97
CA LEU A 1033 9.14 23.77 16.59
C LEU A 1033 10.21 22.70 16.58
N ARG A 1034 10.31 21.88 17.63
CA ARG A 1034 11.26 20.78 17.58
C ARG A 1034 10.97 19.87 16.40
N ASN A 1035 9.74 19.86 15.92
CA ASN A 1035 9.41 19.22 14.67
C ASN A 1035 10.14 19.91 13.52
N ILE A 1036 9.80 21.16 13.26
CA ILE A 1036 10.22 21.77 12.00
C ILE A 1036 11.73 21.95 11.93
N ILE A 1037 12.40 22.15 13.06
CA ILE A 1037 13.85 22.34 13.10
C ILE A 1037 14.39 21.73 14.39
N PRO A 1038 15.58 21.15 14.33
CA PRO A 1038 16.10 20.42 15.49
C PRO A 1038 16.39 21.30 16.69
N TYR A 1039 16.97 20.72 17.73
CA TYR A 1039 17.19 21.47 18.96
C TYR A 1039 18.30 22.51 18.81
N HIS A 1040 19.50 22.08 18.37
CA HIS A 1040 20.62 23.00 18.36
C HIS A 1040 20.34 24.20 17.48
N VAL A 1041 19.74 23.99 16.31
CA VAL A 1041 19.33 25.13 15.52
C VAL A 1041 18.22 25.91 16.19
N ALA A 1042 17.38 25.24 16.98
CA ALA A 1042 16.36 25.98 17.71
C ALA A 1042 17.00 26.92 18.71
N GLU A 1043 18.16 26.55 19.24
CA GLU A 1043 18.90 27.47 20.09
C GLU A 1043 19.51 28.59 19.27
N GLN A 1044 20.30 28.23 18.26
CA GLN A 1044 21.07 29.21 17.52
C GLN A 1044 20.17 30.22 16.83
N LEU A 1045 18.95 29.84 16.48
CA LEU A 1045 18.06 30.74 15.77
C LEU A 1045 17.43 31.75 16.71
N LYS A 1046 17.41 31.47 18.01
CA LYS A 1046 16.86 32.42 18.98
C LYS A 1046 17.58 33.75 18.91
N VAL A 1047 18.88 33.73 18.64
CA VAL A 1047 19.70 34.94 18.69
C VAL A 1047 20.11 35.44 17.31
N SER A 1048 20.00 34.61 16.28
CA SER A 1048 20.46 34.97 14.95
C SER A 1048 19.29 34.96 13.97
N GLN A 1049 19.33 35.89 13.01
CA GLN A 1049 18.30 35.94 11.98
C GLN A 1049 18.25 34.65 11.18
N THR A 1050 19.38 34.25 10.61
CA THR A 1050 19.47 33.03 9.81
C THR A 1050 20.29 31.99 10.54
N TYR A 1051 20.58 30.92 9.82
CA TYR A 1051 21.43 29.85 10.31
C TYR A 1051 22.18 29.24 9.14
N SER A 1052 23.36 28.70 9.42
CA SER A 1052 24.14 27.96 8.45
C SER A 1052 25.32 27.35 9.16
N LYS A 1053 25.73 26.16 8.73
CA LYS A 1053 26.83 25.50 9.41
C LYS A 1053 27.44 24.46 8.50
N ASN A 1054 28.71 24.58 8.21
CA ASN A 1054 29.44 23.48 7.61
C ASN A 1054 29.60 22.38 8.63
N HIS A 1055 29.60 21.14 8.13
CA HIS A 1055 29.96 19.98 8.94
C HIS A 1055 30.98 19.20 8.11
N ASP A 1056 32.24 19.30 8.51
CA ASP A 1056 33.31 18.63 7.78
C ASP A 1056 33.09 17.13 7.75
N SER A 1057 32.60 16.55 8.83
CA SER A 1057 32.26 15.14 8.88
C SER A 1057 30.79 14.99 9.22
N GLY A 1058 30.11 14.11 8.50
CA GLY A 1058 28.70 13.85 8.73
C GLY A 1058 28.21 12.78 7.80
N GLY A 1059 27.32 11.92 8.26
CA GLY A 1059 26.83 10.81 7.46
C GLY A 1059 25.36 11.01 7.12
N VAL A 1060 24.95 10.42 6.00
CA VAL A 1060 23.58 10.57 5.52
C VAL A 1060 23.17 9.28 4.83
N ILE A 1061 21.93 8.87 5.06
CA ILE A 1061 21.37 7.64 4.54
C ILE A 1061 20.07 7.95 3.83
N PHE A 1062 19.87 7.33 2.68
CA PHE A 1062 18.59 7.37 1.99
C PHE A 1062 18.05 5.95 1.93
N ALA A 1063 16.94 5.72 2.61
CA ALA A 1063 16.29 4.41 2.65
C ALA A 1063 15.06 4.50 1.76
N SER A 1064 15.14 3.95 0.57
CA SER A 1064 14.05 4.01 -0.38
C SER A 1064 13.40 2.66 -0.48
N ILE A 1065 12.09 2.61 -0.31
CA ILE A 1065 11.34 1.38 -0.46
C ILE A 1065 11.26 1.03 -1.93
N VAL A 1066 11.81 -0.13 -2.31
CA VAL A 1066 11.93 -0.46 -3.71
C VAL A 1066 10.56 -0.72 -4.32
N ASN A 1067 9.84 -1.70 -3.79
CA ASN A 1067 8.64 -2.21 -4.45
C ASN A 1067 7.37 -1.59 -3.90
N PHE A 1068 7.39 -0.32 -3.52
CA PHE A 1068 6.14 0.33 -3.19
C PHE A 1068 5.29 0.52 -4.44
N SER A 1069 5.84 1.16 -5.45
CA SER A 1069 5.03 1.54 -6.60
C SER A 1069 4.41 0.35 -7.31
N GLU A 1070 4.79 -0.87 -6.96
CA GLU A 1070 4.10 -2.06 -7.42
C GLU A 1070 3.29 -2.73 -6.32
N PHE A 1071 3.30 -2.17 -5.11
CA PHE A 1071 2.28 -2.49 -4.12
C PHE A 1071 1.11 -1.54 -4.20
N TYR A 1072 1.30 -0.39 -4.84
CA TYR A 1072 0.31 0.69 -4.84
C TYR A 1072 -0.58 0.55 -6.05
N GLU A 1073 -1.74 -0.06 -5.86
CA GLU A 1073 -2.72 -0.26 -6.93
C GLU A 1073 -3.86 0.72 -6.77
N GLU A 1074 -4.03 1.60 -7.76
CA GLU A 1074 -4.88 2.78 -7.63
C GLU A 1074 -6.32 2.54 -8.06
N ASN A 1075 -6.76 1.28 -8.07
CA ASN A 1075 -8.12 1.00 -8.51
C ASN A 1075 -9.15 1.29 -7.43
N TYR A 1076 -8.74 1.29 -6.16
CA TYR A 1076 -9.63 1.55 -5.05
C TYR A 1076 -9.92 3.05 -4.97
N GLU A 1077 -10.37 3.55 -3.83
CA GLU A 1077 -10.69 4.97 -3.75
C GLU A 1077 -9.40 5.76 -3.81
N GLY A 1078 -8.89 5.96 -5.01
CA GLY A 1078 -7.59 6.55 -5.19
C GLY A 1078 -6.45 5.70 -4.66
N GLY A 1079 -6.74 4.54 -4.11
CA GLY A 1079 -5.69 3.78 -3.50
C GLY A 1079 -5.00 4.50 -2.36
N LYS A 1080 -5.68 5.47 -1.74
CA LYS A 1080 -5.08 6.15 -0.61
C LYS A 1080 -4.87 5.22 0.57
N GLU A 1081 -5.49 4.04 0.54
CA GLU A 1081 -5.23 3.07 1.58
C GLU A 1081 -3.82 2.51 1.48
N CYS A 1082 -3.29 2.38 0.26
CA CYS A 1082 -1.89 2.02 0.14
C CYS A 1082 -1.01 3.06 0.81
N TYR A 1083 -1.37 4.32 0.66
CA TYR A 1083 -0.59 5.33 1.36
C TYR A 1083 -0.84 5.29 2.85
N ARG A 1084 -1.98 4.76 3.29
CA ARG A 1084 -2.18 4.55 4.72
C ARG A 1084 -1.22 3.50 5.25
N VAL A 1085 -1.07 2.39 4.53
CA VAL A 1085 -0.10 1.39 4.94
C VAL A 1085 1.30 1.99 4.92
N LEU A 1086 1.60 2.81 3.94
CA LEU A 1086 2.91 3.43 3.89
C LEU A 1086 3.15 4.33 5.10
N ASN A 1087 2.14 5.11 5.48
CA ASN A 1087 2.28 5.94 6.67
C ASN A 1087 2.46 5.10 7.91
N GLU A 1088 1.74 3.98 7.99
CA GLU A 1088 1.97 3.06 9.09
C GLU A 1088 3.39 2.57 9.13
N LEU A 1089 4.01 2.38 7.96
CA LEU A 1089 5.43 2.04 7.98
C LEU A 1089 6.26 3.20 8.50
N ILE A 1090 6.22 4.33 7.80
CA ILE A 1090 7.02 5.50 8.17
C ILE A 1090 6.87 5.83 9.65
N GLY A 1091 5.73 5.49 10.23
CA GLY A 1091 5.57 5.63 11.65
C GLY A 1091 6.60 4.82 12.42
N ASP A 1092 6.95 3.65 11.92
CA ASP A 1092 7.91 2.85 12.66
C ASP A 1092 9.31 3.45 12.62
N PHE A 1093 9.68 4.12 11.54
CA PHE A 1093 10.96 4.81 11.52
C PHE A 1093 10.96 6.03 12.43
N ASP A 1094 9.89 6.82 12.37
CA ASP A 1094 9.80 7.92 13.32
C ASP A 1094 9.78 7.45 14.76
N GLU A 1095 9.27 6.25 15.01
CA GLU A 1095 9.40 5.64 16.33
C GLU A 1095 10.85 5.34 16.64
N LEU A 1096 11.56 4.65 15.74
CA LEU A 1096 12.99 4.40 15.93
C LEU A 1096 13.72 5.64 16.36
N LEU A 1097 13.38 6.80 15.80
CA LEU A 1097 14.07 8.02 16.18
C LEU A 1097 14.04 8.23 17.70
N SER A 1098 12.98 7.80 18.37
CA SER A 1098 12.76 8.12 19.78
C SER A 1098 13.43 7.13 20.72
N LYS A 1099 14.32 6.29 20.22
CA LYS A 1099 15.11 5.46 21.10
C LYS A 1099 16.11 6.34 21.85
N PRO A 1100 16.68 5.84 22.95
CA PRO A 1100 17.70 6.62 23.64
C PRO A 1100 18.91 6.86 22.78
N ASP A 1101 19.55 5.77 22.35
CA ASP A 1101 20.83 5.84 21.67
C ASP A 1101 20.75 6.43 20.27
N TYR A 1102 19.56 6.72 19.76
CA TYR A 1102 19.43 7.45 18.49
C TYR A 1102 19.15 8.92 18.72
N SER A 1103 19.73 9.50 19.77
CA SER A 1103 19.54 10.91 19.99
C SER A 1103 20.19 11.73 18.88
N SER A 1104 21.42 11.36 18.50
CA SER A 1104 22.18 12.14 17.54
C SER A 1104 21.69 11.99 16.11
N ILE A 1105 20.72 11.11 15.85
CA ILE A 1105 20.20 10.94 14.50
C ILE A 1105 19.10 11.95 14.26
N GLU A 1106 19.03 12.46 13.04
CA GLU A 1106 17.98 13.41 12.65
C GLU A 1106 17.34 12.93 11.37
N LYS A 1107 16.04 12.69 11.42
CA LYS A 1107 15.30 12.49 10.17
C LYS A 1107 15.16 13.84 9.50
N ILE A 1108 15.88 14.06 8.40
CA ILE A 1108 15.83 15.35 7.73
C ILE A 1108 14.47 15.55 7.07
N LYS A 1109 14.01 14.55 6.33
CA LYS A 1109 12.68 14.56 5.73
C LYS A 1109 12.46 13.21 5.07
N THR A 1110 11.22 13.01 4.61
CA THR A 1110 10.83 11.83 3.86
C THR A 1110 10.21 12.28 2.53
N ILE A 1111 10.81 11.86 1.44
CA ILE A 1111 10.45 12.32 0.10
C ILE A 1111 9.63 11.23 -0.55
N GLY A 1112 8.31 11.26 -0.35
CA GLY A 1112 7.49 10.19 -0.85
C GLY A 1112 7.74 8.90 -0.08
N ALA A 1113 8.16 7.85 -0.81
CA ALA A 1113 8.55 6.62 -0.14
C ALA A 1113 9.94 6.71 0.47
N THR A 1114 10.80 7.54 -0.09
CA THR A 1114 12.17 7.67 0.40
C THR A 1114 12.18 8.22 1.82
N TYR A 1115 13.18 7.81 2.59
CA TYR A 1115 13.36 8.29 3.95
C TYR A 1115 14.80 8.78 4.09
N MET A 1116 14.97 10.04 4.45
CA MET A 1116 16.28 10.69 4.41
C MET A 1116 16.71 11.05 5.82
N ALA A 1117 17.76 10.40 6.32
CA ALA A 1117 18.24 10.63 7.67
C ALA A 1117 19.69 11.03 7.65
N ALA A 1118 20.16 11.62 8.75
CA ALA A 1118 21.53 12.11 8.83
C ALA A 1118 22.00 12.09 10.28
N SER A 1119 23.30 12.34 10.47
CA SER A 1119 23.87 12.43 11.80
C SER A 1119 25.01 13.44 11.79
N GLY A 1120 25.84 13.37 12.83
CA GLY A 1120 26.97 14.27 12.91
C GLY A 1120 26.59 15.71 13.02
N LEU A 1121 25.42 16.01 13.58
CA LEU A 1121 24.96 17.38 13.75
C LEU A 1121 24.92 17.82 15.20
N ASN A 1122 24.63 16.90 16.12
CA ASN A 1122 24.80 17.19 17.54
C ASN A 1122 26.26 17.28 17.93
N ALA A 1123 27.15 16.61 17.18
CA ALA A 1123 28.56 16.59 17.52
C ALA A 1123 29.15 17.99 17.40
N THR A 1124 29.33 18.64 18.54
CA THR A 1124 29.86 20.00 18.59
C THR A 1124 31.16 20.11 19.35
N GLN A 1125 31.58 19.07 20.06
CA GLN A 1125 32.79 19.09 20.86
C GLN A 1125 33.30 17.66 21.00
N CYS A 1126 34.63 17.49 20.92
CA CYS A 1126 35.22 16.17 21.09
C CYS A 1126 35.27 15.79 22.56
N ARG A 1127 35.05 14.51 22.84
CA ARG A 1127 35.10 13.99 24.20
C ARG A 1127 36.25 13.01 24.32
N ASP A 1128 36.94 13.07 25.47
CA ASP A 1128 38.22 12.37 25.62
C ASP A 1128 38.05 10.86 25.52
N GLY A 1129 37.05 10.29 26.18
CA GLY A 1129 36.81 8.86 26.17
C GLY A 1129 35.98 8.35 25.02
N SER A 1130 35.54 9.23 24.11
CA SER A 1130 34.72 8.85 22.97
C SER A 1130 35.54 8.98 21.69
N HIS A 1131 35.21 8.14 20.71
CA HIS A 1131 35.89 8.32 19.43
C HIS A 1131 35.13 9.30 18.55
N PRO A 1132 35.83 10.10 17.74
CA PRO A 1132 35.12 11.08 16.92
C PRO A 1132 34.09 10.46 16.00
N GLN A 1133 34.51 9.58 15.10
CA GLN A 1133 33.63 9.06 14.05
C GLN A 1133 32.92 7.80 14.51
N GLU A 1134 32.62 7.70 15.79
CA GLU A 1134 31.78 6.63 16.28
C GLU A 1134 30.31 6.88 15.98
N HIS A 1135 29.92 8.14 15.76
CA HIS A 1135 28.55 8.41 15.38
C HIS A 1135 28.17 7.67 14.10
N LEU A 1136 29.10 7.59 13.14
CA LEU A 1136 28.82 6.85 11.92
C LEU A 1136 28.49 5.40 12.22
N GLN A 1137 28.99 4.85 13.32
CA GLN A 1137 28.49 3.55 13.72
C GLN A 1137 27.00 3.61 14.04
N ILE A 1138 26.63 4.49 14.99
CA ILE A 1138 25.26 4.46 15.46
C ILE A 1138 24.29 4.76 14.32
N LEU A 1139 24.58 5.77 13.50
CA LEU A 1139 23.75 5.97 12.32
C LEU A 1139 23.71 4.71 11.49
N PHE A 1140 24.86 4.12 11.20
CA PHE A 1140 24.84 2.85 10.48
C PHE A 1140 23.96 1.84 11.18
N GLU A 1141 24.06 1.74 12.50
CA GLU A 1141 23.18 0.80 13.19
C GLU A 1141 21.72 1.14 12.93
N PHE A 1142 21.37 2.43 13.00
CA PHE A 1142 20.05 2.85 12.57
C PHE A 1142 19.66 2.16 11.28
N ALA A 1143 20.49 2.30 10.25
CA ALA A 1143 20.23 1.62 8.99
C ALA A 1143 19.89 0.15 9.24
N LYS A 1144 20.81 -0.60 9.83
CA LYS A 1144 20.54 -2.01 10.11
C LYS A 1144 19.20 -2.15 10.80
N GLU A 1145 19.00 -1.41 11.90
CA GLU A 1145 17.75 -1.54 12.62
C GLU A 1145 16.56 -1.24 11.74
N MET A 1146 16.58 -0.15 10.98
CA MET A 1146 15.39 0.12 10.18
C MET A 1146 15.19 -0.95 9.13
N MET A 1147 16.26 -1.56 8.61
CA MET A 1147 16.06 -2.73 7.79
C MET A 1147 15.27 -3.77 8.55
N ARG A 1148 15.76 -4.17 9.72
CA ARG A 1148 15.00 -5.08 10.56
C ARG A 1148 13.58 -4.63 10.75
N VAL A 1149 13.36 -3.31 10.90
CA VAL A 1149 12.02 -2.81 11.13
C VAL A 1149 11.07 -3.26 10.04
N VAL A 1150 11.48 -3.12 8.78
CA VAL A 1150 10.53 -3.43 7.72
C VAL A 1150 10.20 -4.92 7.76
N ASP A 1151 11.11 -5.76 8.26
CA ASP A 1151 10.79 -7.17 8.37
C ASP A 1151 9.68 -7.41 9.39
N ASP A 1152 9.69 -6.67 10.50
CA ASP A 1152 8.53 -6.69 11.35
C ASP A 1152 7.28 -6.27 10.59
N PHE A 1153 7.37 -5.22 9.80
CA PHE A 1153 6.22 -4.82 8.99
C PHE A 1153 5.90 -5.87 7.95
N ASN A 1154 6.87 -6.70 7.58
CA ASN A 1154 6.56 -7.76 6.64
C ASN A 1154 5.92 -8.95 7.32
N ASN A 1155 5.95 -9.03 8.65
CA ASN A 1155 5.19 -10.06 9.35
C ASN A 1155 3.72 -9.71 9.36
N ASN A 1156 3.40 -8.43 9.47
CA ASN A 1156 2.03 -7.96 9.48
C ASN A 1156 1.52 -7.65 8.09
N MET A 1157 2.33 -7.88 7.06
CA MET A 1157 1.96 -7.71 5.67
C MET A 1157 1.87 -9.09 5.06
N LEU A 1158 0.66 -9.53 4.75
CA LEU A 1158 0.40 -10.93 4.42
C LEU A 1158 0.59 -11.16 2.93
N TRP A 1159 1.42 -12.14 2.59
CA TRP A 1159 1.69 -12.54 1.21
C TRP A 1159 2.10 -11.36 0.36
N PHE A 1160 2.89 -10.49 0.96
CA PHE A 1160 3.60 -9.42 0.28
C PHE A 1160 4.72 -8.97 1.19
N ASN A 1161 5.80 -8.50 0.61
CA ASN A 1161 6.95 -8.06 1.38
C ASN A 1161 7.39 -6.71 0.85
N PHE A 1162 7.66 -5.78 1.76
CA PHE A 1162 8.34 -4.58 1.35
C PHE A 1162 9.84 -4.86 1.29
N LYS A 1163 10.55 -4.08 0.47
CA LYS A 1163 11.99 -4.22 0.36
C LYS A 1163 12.58 -2.83 0.21
N LEU A 1164 13.35 -2.40 1.20
CA LEU A 1164 13.95 -1.08 1.14
C LEU A 1164 15.45 -1.22 0.95
N ARG A 1165 15.99 -0.42 0.03
CA ARG A 1165 17.42 -0.33 -0.20
C ARG A 1165 17.92 0.91 0.49
N VAL A 1166 19.02 0.77 1.21
CA VAL A 1166 19.58 1.90 1.93
C VAL A 1166 20.91 2.25 1.31
N GLY A 1167 21.12 3.54 1.09
CA GLY A 1167 22.39 4.05 0.61
C GLY A 1167 23.01 4.90 1.69
N PHE A 1168 24.30 4.71 1.92
CA PHE A 1168 25.01 5.33 3.02
C PHE A 1168 26.18 6.12 2.48
N ASN A 1169 26.38 7.33 2.99
CA ASN A 1169 27.58 8.10 2.66
C ASN A 1169 27.95 8.98 3.84
N HIS A 1170 29.18 9.52 3.80
CA HIS A 1170 29.63 10.44 4.83
C HIS A 1170 30.74 11.32 4.28
N GLY A 1171 30.86 12.51 4.85
CA GLY A 1171 31.86 13.46 4.44
C GLY A 1171 31.47 14.87 4.83
N PRO A 1172 31.78 15.83 3.98
CA PRO A 1172 31.42 17.22 4.26
C PRO A 1172 30.00 17.51 3.83
N LEU A 1173 29.38 18.49 4.49
CA LEU A 1173 28.03 18.89 4.12
C LEU A 1173 27.76 20.27 4.72
N THR A 1174 26.60 20.82 4.41
CA THR A 1174 26.22 22.15 4.86
C THR A 1174 24.76 22.13 5.29
N ALA A 1175 24.51 22.39 6.57
CA ALA A 1175 23.15 22.45 7.06
C ALA A 1175 22.69 23.90 7.10
N GLY A 1176 21.41 24.12 6.82
CA GLY A 1176 20.89 25.47 6.83
C GLY A 1176 19.40 25.48 7.05
N VAL A 1177 18.88 26.69 7.26
CA VAL A 1177 17.45 26.91 7.48
C VAL A 1177 16.99 27.96 6.50
N ILE A 1178 15.88 27.70 5.82
CA ILE A 1178 15.61 28.35 4.55
C ILE A 1178 14.96 29.72 4.67
N GLY A 1179 13.76 29.79 5.22
CA GLY A 1179 12.95 30.97 5.11
C GLY A 1179 12.77 31.73 6.42
N THR A 1180 12.01 32.80 6.34
CA THR A 1180 11.53 33.52 7.50
C THR A 1180 10.01 33.55 7.39
N THR A 1181 9.34 33.10 8.46
CA THR A 1181 7.91 32.82 8.48
C THR A 1181 7.57 31.63 7.59
N LYS A 1182 8.56 31.10 6.88
CA LYS A 1182 8.46 29.81 6.23
C LYS A 1182 9.72 29.02 6.55
N LEU A 1183 9.72 28.36 7.69
CA LEU A 1183 10.92 27.72 8.19
C LEU A 1183 11.06 26.37 7.53
N LEU A 1184 12.30 26.00 7.18
CA LEU A 1184 12.52 24.75 6.50
C LEU A 1184 13.99 24.37 6.69
N TYR A 1185 14.24 23.44 7.60
CA TYR A 1185 15.60 22.96 7.81
C TYR A 1185 15.95 21.98 6.72
N ASP A 1186 17.17 22.10 6.16
CA ASP A 1186 17.59 21.14 5.16
C ASP A 1186 19.10 21.22 4.97
N ILE A 1187 19.68 20.16 4.42
CA ILE A 1187 21.11 20.12 4.25
C ILE A 1187 21.44 19.83 2.79
N TRP A 1188 22.55 20.42 2.34
CA TRP A 1188 23.09 20.16 1.01
C TRP A 1188 24.55 19.80 1.16
N GLY A 1189 25.24 19.73 0.04
CA GLY A 1189 26.63 19.39 0.01
C GLY A 1189 26.87 18.34 -1.02
N ASP A 1190 27.93 17.58 -0.82
CA ASP A 1190 28.24 16.48 -1.72
C ASP A 1190 27.81 15.13 -1.17
N THR A 1191 27.79 14.98 0.15
CA THR A 1191 27.32 13.74 0.73
C THR A 1191 25.86 13.51 0.39
N VAL A 1192 25.04 14.57 0.44
CA VAL A 1192 23.62 14.42 0.13
C VAL A 1192 23.45 13.75 -1.23
N ASN A 1193 23.91 14.40 -2.29
CA ASN A 1193 23.71 13.84 -3.61
C ASN A 1193 24.47 12.54 -3.83
N ILE A 1194 25.66 12.39 -3.27
CA ILE A 1194 26.37 11.13 -3.47
C ILE A 1194 25.61 9.97 -2.84
N ALA A 1195 25.05 10.18 -1.64
CA ALA A 1195 24.30 9.12 -1.00
C ALA A 1195 22.97 8.86 -1.70
N SER A 1196 22.32 9.92 -2.20
CA SER A 1196 21.09 9.73 -2.94
C SER A 1196 21.35 8.93 -4.21
N ARG A 1197 22.46 9.20 -4.89
CA ARG A 1197 22.75 8.46 -6.11
C ARG A 1197 23.36 7.09 -5.77
N MET A 1198 23.81 6.91 -4.53
CA MET A 1198 24.16 5.58 -4.05
C MET A 1198 22.91 4.74 -3.90
N ASP A 1199 21.93 5.27 -3.18
CA ASP A 1199 20.67 4.57 -2.97
C ASP A 1199 19.96 4.29 -4.27
N THR A 1200 19.75 5.34 -5.09
CA THR A 1200 19.06 5.18 -6.35
C THR A 1200 19.74 4.14 -7.24
N THR A 1201 21.03 3.90 -7.04
CA THR A 1201 21.75 2.81 -7.68
C THR A 1201 21.92 1.63 -6.75
N GLY A 1202 21.10 1.53 -5.72
CA GLY A 1202 21.28 0.52 -4.71
C GLY A 1202 20.60 -0.79 -5.05
N VAL A 1203 20.79 -1.75 -4.15
CA VAL A 1203 20.17 -3.06 -4.23
C VAL A 1203 19.33 -3.26 -2.98
N GLU A 1204 18.12 -3.80 -3.15
CA GLU A 1204 17.22 -3.89 -2.00
C GLU A 1204 17.70 -4.93 -1.01
N CYS A 1205 17.22 -4.79 0.22
CA CYS A 1205 17.58 -5.64 1.35
C CYS A 1205 19.07 -5.56 1.67
N ARG A 1206 19.80 -4.59 1.13
CA ARG A 1206 21.23 -4.51 1.37
C ARG A 1206 21.66 -3.05 1.41
N ILE A 1207 22.65 -2.75 2.24
CA ILE A 1207 23.10 -1.38 2.47
C ILE A 1207 24.28 -1.08 1.55
N GLN A 1208 24.04 -0.27 0.54
CA GLN A 1208 25.09 0.17 -0.38
C GLN A 1208 25.88 1.28 0.28
N VAL A 1209 27.14 1.02 0.58
CA VAL A 1209 27.99 1.95 1.30
C VAL A 1209 29.00 2.55 0.34
N SER A 1210 29.37 3.81 0.57
CA SER A 1210 30.38 4.46 -0.22
C SER A 1210 31.77 4.05 0.23
N GLU A 1211 32.76 4.35 -0.62
CA GLU A 1211 34.09 3.76 -0.46
C GLU A 1211 34.74 4.17 0.84
N GLU A 1212 34.96 5.47 1.06
CA GLU A 1212 35.62 5.89 2.29
C GLU A 1212 34.80 5.52 3.52
N SER A 1213 33.48 5.46 3.39
CA SER A 1213 32.67 4.93 4.46
C SER A 1213 32.96 3.45 4.68
N TYR A 1214 33.24 2.71 3.61
CA TYR A 1214 33.70 1.34 3.78
C TYR A 1214 35.01 1.31 4.55
N ARG A 1215 35.95 2.18 4.20
CA ARG A 1215 37.23 2.21 4.89
C ARG A 1215 37.06 2.46 6.37
N VAL A 1216 36.24 3.45 6.74
CA VAL A 1216 36.12 3.77 8.16
C VAL A 1216 35.33 2.70 8.90
N LEU A 1217 34.27 2.17 8.30
CA LEU A 1217 33.46 1.16 8.98
C LEU A 1217 34.13 -0.20 9.03
N SER A 1218 35.05 -0.49 8.11
CA SER A 1218 35.64 -1.82 8.07
C SER A 1218 36.33 -2.16 9.37
N LYS A 1219 37.03 -1.19 9.97
CA LYS A 1219 37.70 -1.45 11.23
C LYS A 1219 36.73 -1.66 12.37
N MET A 1220 35.50 -1.16 12.25
CA MET A 1220 34.53 -1.20 13.33
C MET A 1220 33.77 -2.51 13.41
N GLY A 1221 34.27 -3.55 12.76
CA GLY A 1221 33.75 -4.89 12.94
C GLY A 1221 32.82 -5.39 11.85
N TYR A 1222 32.17 -4.50 11.12
CA TYR A 1222 31.26 -4.94 10.07
C TYR A 1222 32.05 -5.49 8.90
N GLU A 1223 31.49 -6.50 8.25
CA GLU A 1223 32.12 -7.15 7.11
C GLU A 1223 31.31 -6.82 5.86
N PHE A 1224 31.89 -6.03 4.98
CA PHE A 1224 31.23 -5.65 3.75
C PHE A 1224 31.71 -6.53 2.61
N ASP A 1225 30.94 -6.55 1.52
CA ASP A 1225 31.35 -7.27 0.34
C ASP A 1225 31.40 -6.32 -0.84
N TYR A 1226 32.49 -6.42 -1.58
CA TYR A 1226 32.76 -5.53 -2.69
C TYR A 1226 31.75 -5.78 -3.81
N ARG A 1227 31.02 -4.72 -4.21
CA ARG A 1227 30.00 -4.88 -5.23
C ARG A 1227 30.58 -4.81 -6.64
N GLY A 1228 31.65 -4.06 -6.82
CA GLY A 1228 32.19 -3.83 -8.14
C GLY A 1228 32.47 -2.36 -8.34
N THR A 1229 31.80 -1.74 -9.31
CA THR A 1229 31.95 -0.31 -9.53
C THR A 1229 30.65 0.24 -10.09
N VAL A 1230 30.15 1.29 -9.45
CA VAL A 1230 28.91 1.93 -9.84
C VAL A 1230 29.24 3.21 -10.60
N ASN A 1231 28.48 3.51 -11.64
CA ASN A 1231 28.69 4.72 -12.41
C ASN A 1231 27.74 5.79 -11.88
N VAL A 1232 28.22 6.54 -10.90
CA VAL A 1232 27.41 7.53 -10.19
C VAL A 1232 27.35 8.82 -11.00
N LYS A 1233 26.15 9.21 -11.39
CA LYS A 1233 25.95 10.47 -12.10
C LYS A 1233 26.55 11.61 -11.29
N GLY A 1234 27.61 12.22 -11.82
CA GLY A 1234 28.31 13.26 -11.10
C GLY A 1234 29.65 12.83 -10.54
N LYS A 1235 29.94 11.54 -10.50
CA LYS A 1235 31.23 11.06 -10.06
C LYS A 1235 31.81 9.97 -10.94
N GLY A 1236 31.13 9.57 -12.00
CA GLY A 1236 31.65 8.52 -12.86
C GLY A 1236 31.70 7.20 -12.13
N GLN A 1237 32.76 6.45 -12.38
CA GLN A 1237 32.94 5.16 -11.72
C GLN A 1237 33.22 5.38 -10.24
N MET A 1238 32.59 4.55 -9.41
CA MET A 1238 32.81 4.62 -7.97
C MET A 1238 32.84 3.20 -7.41
N LYS A 1239 33.68 3.01 -6.41
CA LYS A 1239 33.82 1.72 -5.75
C LYS A 1239 32.81 1.62 -4.60
N THR A 1240 32.10 0.49 -4.52
CA THR A 1240 31.02 0.32 -3.55
C THR A 1240 31.14 -1.00 -2.81
N TYR A 1241 30.62 -1.00 -1.59
CA TYR A 1241 30.63 -2.17 -0.73
C TYR A 1241 29.26 -2.33 -0.10
N LEU A 1242 28.60 -3.44 -0.37
CA LEU A 1242 27.32 -3.71 0.28
C LEU A 1242 27.56 -4.26 1.67
N TYR A 1243 26.56 -4.10 2.54
CA TYR A 1243 26.87 -4.48 3.92
C TYR A 1243 26.79 -5.98 4.15
N PRO A 1244 25.63 -6.64 3.97
CA PRO A 1244 25.55 -8.04 4.38
C PRO A 1244 26.49 -8.90 3.55
N LYS A 1245 27.21 -9.79 4.22
CA LYS A 1245 28.21 -10.62 3.54
C LYS A 1245 27.49 -11.67 2.71
N CYS A 1246 27.00 -11.23 1.55
CA CYS A 1246 26.24 -12.08 0.64
C CYS A 1246 25.08 -12.76 1.39
N THR A 1247 24.16 -11.91 1.84
CA THR A 1247 23.00 -12.39 2.58
C THR A 1247 22.19 -13.40 1.76
N ASP A 1248 22.07 -13.18 0.45
CA ASP A 1248 21.43 -14.15 -0.41
C ASP A 1248 22.36 -15.35 -0.59
N SER A 1249 21.99 -16.28 -1.46
CA SER A 1249 22.84 -17.45 -1.70
C SER A 1249 24.19 -17.02 -2.25
N GLY A 1250 24.20 -16.45 -3.45
CA GLY A 1250 25.43 -16.00 -4.08
C GLY A 1250 25.36 -16.00 -5.60
N LYS B 28 -22.38 22.92 6.41
CA LYS B 28 -21.32 22.01 5.99
C LYS B 28 -21.90 20.73 5.39
N GLN B 29 -23.06 20.34 5.90
CA GLN B 29 -23.78 19.11 5.57
C GLN B 29 -22.94 17.85 5.77
N LEU B 30 -21.82 17.97 6.49
CA LEU B 30 -20.93 16.84 6.72
C LEU B 30 -21.08 16.24 8.11
N GLN B 31 -21.69 16.96 9.05
CA GLN B 31 -21.85 16.41 10.40
C GLN B 31 -22.76 15.19 10.39
N LYS B 32 -23.96 15.32 9.81
CA LYS B 32 -24.86 14.17 9.70
C LYS B 32 -24.27 13.07 8.83
N ASP B 33 -23.50 13.44 7.81
CA ASP B 33 -22.88 12.41 6.97
C ASP B 33 -21.89 11.56 7.77
N LYS B 34 -21.03 12.22 8.55
CA LYS B 34 -20.14 11.49 9.44
C LYS B 34 -20.93 10.64 10.43
N GLN B 35 -22.04 11.18 10.96
CA GLN B 35 -22.76 10.45 12.00
C GLN B 35 -23.59 9.30 11.44
N VAL B 36 -23.92 9.34 10.15
CA VAL B 36 -24.51 8.17 9.49
C VAL B 36 -23.43 7.21 9.02
N TYR B 37 -22.19 7.69 8.86
CA TYR B 37 -21.07 6.77 8.73
C TYR B 37 -20.90 5.95 10.00
N ARG B 38 -20.72 6.62 11.14
CA ARG B 38 -20.55 5.94 12.41
C ARG B 38 -21.66 4.95 12.70
N ALA B 39 -22.79 5.03 12.01
CA ALA B 39 -23.89 4.11 12.16
C ALA B 39 -23.92 3.04 11.09
N THR B 40 -22.76 2.65 10.59
CA THR B 40 -22.66 1.64 9.55
C THR B 40 -21.83 0.46 10.03
N HIS B 41 -22.27 -0.74 9.69
CA HIS B 41 -21.58 -1.97 10.08
C HIS B 41 -20.72 -2.42 8.91
N ARG B 42 -19.40 -2.36 9.09
CA ARG B 42 -18.46 -2.76 8.05
C ARG B 42 -18.13 -4.23 8.22
N LEU B 43 -18.49 -5.02 7.21
CA LEU B 43 -18.33 -6.47 7.25
C LEU B 43 -17.29 -6.86 6.20
N LEU B 44 -16.05 -6.90 6.60
CA LEU B 44 -15.01 -7.31 5.67
C LEU B 44 -15.05 -8.81 5.49
N LEU B 45 -15.13 -9.27 4.25
CA LEU B 45 -15.13 -10.69 3.95
C LEU B 45 -13.71 -11.14 3.62
N LEU B 46 -13.17 -12.03 4.43
CA LEU B 46 -11.83 -12.53 4.19
C LEU B 46 -11.88 -14.04 4.03
N GLY B 47 -10.73 -14.62 3.72
CA GLY B 47 -10.63 -16.06 3.59
C GLY B 47 -10.14 -16.45 2.21
N ALA B 48 -9.52 -17.61 2.08
CA ALA B 48 -8.81 -17.96 0.87
C ALA B 48 -9.77 -18.11 -0.30
N GLY B 49 -9.20 -18.38 -1.48
CA GLY B 49 -9.99 -18.41 -2.69
C GLY B 49 -10.84 -19.67 -2.79
N GLU B 50 -11.85 -19.57 -3.65
CA GLU B 50 -12.82 -20.65 -3.84
C GLU B 50 -13.50 -21.04 -2.54
N SER B 51 -13.64 -20.09 -1.63
CA SER B 51 -14.27 -20.35 -0.34
C SER B 51 -15.73 -19.93 -0.30
N GLY B 52 -16.08 -18.78 -0.86
CA GLY B 52 -17.47 -18.41 -0.92
C GLY B 52 -17.77 -17.00 -0.49
N LYS B 53 -16.75 -16.15 -0.45
CA LYS B 53 -16.99 -14.74 -0.14
C LYS B 53 -17.97 -14.12 -1.13
N SER B 54 -17.67 -14.27 -2.42
CA SER B 54 -18.56 -13.75 -3.43
C SER B 54 -19.92 -14.41 -3.36
N THR B 55 -19.97 -15.71 -3.07
CA THR B 55 -21.27 -16.38 -2.97
C THR B 55 -22.08 -15.83 -1.81
N ILE B 56 -21.44 -15.62 -0.66
CA ILE B 56 -22.17 -15.11 0.49
C ILE B 56 -22.65 -13.69 0.27
N VAL B 57 -21.85 -12.84 -0.39
CA VAL B 57 -22.32 -11.48 -0.60
C VAL B 57 -23.42 -11.45 -1.66
N LYS B 58 -23.34 -12.33 -2.66
CA LYS B 58 -24.48 -12.52 -3.55
C LYS B 58 -25.71 -12.92 -2.76
N GLN B 59 -25.54 -13.81 -1.78
CA GLN B 59 -26.63 -14.22 -0.93
C GLN B 59 -27.25 -13.04 -0.20
N MET B 60 -26.40 -12.22 0.43
CA MET B 60 -26.91 -11.08 1.17
C MET B 60 -27.68 -10.13 0.27
N ARG B 61 -27.13 -9.81 -0.91
CA ARG B 61 -27.87 -8.91 -1.78
C ARG B 61 -29.17 -9.54 -2.26
N ILE B 62 -29.21 -10.86 -2.45
CA ILE B 62 -30.46 -11.51 -2.81
C ILE B 62 -31.47 -11.34 -1.69
N LEU B 63 -31.03 -11.51 -0.46
CA LEU B 63 -31.93 -11.42 0.68
C LEU B 63 -32.32 -9.98 1.00
N HIS B 64 -31.60 -9.00 0.48
CA HIS B 64 -31.89 -7.62 0.82
C HIS B 64 -31.94 -6.67 -0.36
N VAL B 65 -31.85 -7.17 -1.58
CA VAL B 65 -32.02 -6.34 -2.77
C VAL B 65 -32.78 -7.12 -3.84
N LYS B 89 -26.25 -6.70 -18.55
CA LYS B 89 -27.32 -7.26 -17.73
C LYS B 89 -27.57 -8.72 -18.06
N ALA B 90 -27.00 -9.18 -19.18
CA ALA B 90 -27.20 -10.54 -19.63
C ALA B 90 -25.94 -11.38 -19.60
N THR B 91 -24.79 -10.78 -19.27
CA THR B 91 -23.53 -11.50 -19.23
C THR B 91 -23.55 -12.67 -18.27
N LYS B 92 -24.53 -12.72 -17.38
CA LYS B 92 -24.56 -13.75 -16.35
C LYS B 92 -24.69 -15.14 -16.97
N VAL B 93 -25.63 -15.31 -17.89
CA VAL B 93 -25.76 -16.59 -18.57
C VAL B 93 -24.45 -16.93 -19.27
N GLN B 94 -23.74 -15.93 -19.76
CA GLN B 94 -22.52 -16.20 -20.50
C GLN B 94 -21.44 -16.72 -19.57
N ASP B 95 -21.29 -16.12 -18.39
CA ASP B 95 -20.27 -16.64 -17.49
C ASP B 95 -20.69 -17.95 -16.84
N ILE B 96 -22.00 -18.24 -16.77
CA ILE B 96 -22.42 -19.58 -16.38
C ILE B 96 -21.97 -20.59 -17.44
N LYS B 97 -22.14 -20.25 -18.71
CA LYS B 97 -21.68 -21.14 -19.76
C LYS B 97 -20.16 -21.25 -19.73
N ASN B 98 -19.47 -20.19 -19.34
CA ASN B 98 -18.03 -20.27 -19.13
C ASN B 98 -17.70 -21.24 -18.01
N ASN B 99 -18.46 -21.21 -16.93
CA ASN B 99 -18.32 -22.21 -15.87
C ASN B 99 -18.46 -23.61 -16.44
N LEU B 100 -19.49 -23.85 -17.23
CA LEU B 100 -19.68 -25.18 -17.81
C LEU B 100 -18.47 -25.58 -18.65
N LYS B 101 -18.04 -24.68 -19.54
CA LYS B 101 -16.94 -25.00 -20.42
C LYS B 101 -15.67 -25.30 -19.64
N GLU B 102 -15.33 -24.45 -18.68
CA GLU B 102 -14.13 -24.66 -17.89
C GLU B 102 -14.21 -25.96 -17.12
N ALA B 103 -15.38 -26.26 -16.55
CA ALA B 103 -15.54 -27.50 -15.81
C ALA B 103 -15.31 -28.70 -16.70
N ILE B 104 -16.04 -28.79 -17.80
CA ILE B 104 -15.94 -29.97 -18.65
C ILE B 104 -14.54 -30.09 -19.22
N GLU B 105 -13.89 -28.96 -19.52
CA GLU B 105 -12.52 -29.03 -20.01
C GLU B 105 -11.58 -29.55 -18.95
N THR B 106 -11.74 -29.10 -17.69
CA THR B 106 -10.85 -29.60 -16.64
C THR B 106 -11.03 -31.10 -16.47
N ILE B 107 -12.29 -31.56 -16.50
CA ILE B 107 -12.56 -32.99 -16.45
C ILE B 107 -11.79 -33.70 -17.56
N VAL B 108 -12.05 -33.33 -18.81
CA VAL B 108 -11.53 -34.12 -19.92
C VAL B 108 -10.01 -34.01 -19.98
N ALA B 109 -9.46 -32.89 -19.54
CA ALA B 109 -8.01 -32.71 -19.59
C ALA B 109 -7.32 -33.57 -18.54
N ALA B 110 -7.80 -33.50 -17.30
CA ALA B 110 -7.19 -34.32 -16.25
C ALA B 110 -7.34 -35.82 -16.50
N MET B 111 -8.17 -36.22 -17.48
CA MET B 111 -8.35 -37.64 -17.76
C MET B 111 -7.03 -38.32 -18.10
N SER B 112 -6.05 -37.55 -18.56
CA SER B 112 -4.78 -38.14 -18.97
C SER B 112 -3.72 -38.06 -17.90
N ASN B 113 -3.86 -37.17 -16.93
CA ASN B 113 -2.78 -36.83 -16.01
C ASN B 113 -3.09 -37.20 -14.57
N LEU B 114 -3.66 -38.37 -14.35
CA LEU B 114 -3.74 -38.95 -13.02
C LEU B 114 -2.77 -40.11 -12.93
N VAL B 115 -2.77 -40.81 -11.80
CA VAL B 115 -1.84 -41.92 -11.64
C VAL B 115 -2.27 -43.08 -12.54
N PRO B 116 -3.54 -43.37 -12.75
CA PRO B 116 -3.94 -43.97 -14.02
C PRO B 116 -4.51 -42.91 -14.95
N PRO B 117 -4.18 -42.94 -16.23
CA PRO B 117 -4.91 -42.10 -17.19
C PRO B 117 -6.34 -42.59 -17.31
N VAL B 118 -7.29 -41.70 -17.02
CA VAL B 118 -8.69 -42.09 -16.99
C VAL B 118 -9.14 -42.49 -18.39
N GLU B 119 -9.68 -43.69 -18.51
CA GLU B 119 -10.12 -44.21 -19.79
C GLU B 119 -11.64 -44.21 -19.86
N LEU B 120 -12.16 -43.74 -21.00
CA LEU B 120 -13.60 -43.75 -21.21
C LEU B 120 -14.10 -45.19 -21.30
N ALA B 121 -15.26 -45.44 -20.69
CA ALA B 121 -15.86 -46.77 -20.84
C ALA B 121 -16.40 -46.98 -22.25
N ASN B 122 -16.73 -45.88 -22.95
CA ASN B 122 -17.15 -45.93 -24.35
C ASN B 122 -16.12 -45.18 -25.18
N PRO B 123 -14.97 -45.78 -25.47
CA PRO B 123 -13.93 -45.08 -26.24
C PRO B 123 -14.37 -44.70 -27.65
N GLU B 124 -15.52 -45.18 -28.12
CA GLU B 124 -16.02 -44.79 -29.43
C GLU B 124 -16.34 -43.31 -29.49
N ASN B 125 -16.46 -42.66 -28.34
CA ASN B 125 -16.65 -41.21 -28.27
C ASN B 125 -15.32 -40.47 -28.11
N GLN B 126 -14.21 -41.13 -28.44
CA GLN B 126 -12.90 -40.52 -28.24
C GLN B 126 -12.75 -39.23 -29.02
N PHE B 127 -13.24 -39.22 -30.27
CA PHE B 127 -13.26 -37.99 -31.04
C PHE B 127 -13.86 -36.84 -30.25
N ARG B 128 -14.97 -37.10 -29.56
CA ARG B 128 -15.59 -36.10 -28.70
C ARG B 128 -14.56 -35.51 -27.76
N VAL B 129 -13.86 -36.36 -27.00
CA VAL B 129 -12.79 -35.88 -26.13
C VAL B 129 -11.85 -34.98 -26.90
N ASP B 130 -11.36 -35.46 -28.05
CA ASP B 130 -10.47 -34.65 -28.87
C ASP B 130 -11.12 -33.32 -29.23
N TYR B 131 -12.39 -33.34 -29.62
CA TYR B 131 -13.10 -32.11 -29.90
C TYR B 131 -13.05 -31.17 -28.72
N ILE B 132 -13.29 -31.69 -27.51
CA ILE B 132 -13.25 -30.83 -26.34
C ILE B 132 -11.85 -30.31 -26.11
N LEU B 133 -10.83 -31.11 -26.43
CA LEU B 133 -9.46 -30.63 -26.33
C LEU B 133 -9.12 -29.61 -27.41
N SER B 134 -9.96 -29.49 -28.43
CA SER B 134 -9.70 -28.54 -29.51
C SER B 134 -10.18 -27.14 -29.13
N VAL B 135 -11.23 -27.04 -28.34
CA VAL B 135 -11.79 -25.74 -27.95
C VAL B 135 -11.12 -25.28 -26.66
N MET B 136 -9.99 -25.90 -26.32
CA MET B 136 -9.43 -25.75 -24.98
C MET B 136 -9.24 -24.28 -24.60
N ASN B 137 -8.73 -23.47 -25.51
CA ASN B 137 -8.51 -22.04 -25.24
C ASN B 137 -8.93 -21.28 -26.49
N VAL B 138 -10.21 -20.90 -26.52
CA VAL B 138 -10.78 -20.06 -27.58
C VAL B 138 -11.50 -18.89 -26.93
N PRO B 139 -10.83 -17.76 -26.77
CA PRO B 139 -11.39 -16.64 -26.00
C PRO B 139 -12.82 -16.27 -26.38
N ASP B 140 -13.09 -16.18 -27.68
CA ASP B 140 -14.45 -16.04 -28.15
C ASP B 140 -15.04 -17.42 -28.40
N PHE B 141 -16.35 -17.54 -28.21
CA PHE B 141 -17.01 -18.82 -28.43
C PHE B 141 -18.48 -18.58 -28.68
N ASP B 142 -19.04 -19.33 -29.64
CA ASP B 142 -20.46 -19.26 -29.93
C ASP B 142 -21.29 -20.22 -29.10
N PHE B 143 -20.64 -21.20 -28.46
CA PHE B 143 -21.33 -22.25 -27.71
C PHE B 143 -22.35 -22.94 -28.61
N PRO B 144 -21.88 -23.77 -29.55
CA PRO B 144 -22.82 -24.41 -30.46
C PRO B 144 -23.54 -25.55 -29.77
N PRO B 145 -24.71 -25.96 -30.29
CA PRO B 145 -25.43 -27.09 -29.67
C PRO B 145 -24.67 -28.40 -29.75
N GLU B 146 -23.84 -28.59 -30.78
CA GLU B 146 -23.08 -29.83 -30.88
C GLU B 146 -22.07 -29.94 -29.75
N PHE B 147 -21.48 -28.82 -29.34
CA PHE B 147 -20.61 -28.83 -28.16
C PHE B 147 -21.37 -29.26 -26.91
N TYR B 148 -22.58 -28.72 -26.71
CA TYR B 148 -23.36 -29.10 -25.55
C TYR B 148 -23.69 -30.58 -25.58
N GLU B 149 -24.10 -31.10 -26.74
CA GLU B 149 -24.38 -32.52 -26.86
C GLU B 149 -23.13 -33.35 -26.56
N HIS B 150 -21.96 -32.86 -27.00
CA HIS B 150 -20.71 -33.52 -26.67
C HIS B 150 -20.49 -33.58 -25.17
N ALA B 151 -20.63 -32.43 -24.50
CA ALA B 151 -20.42 -32.37 -23.06
C ALA B 151 -21.35 -33.32 -22.34
N LYS B 152 -22.61 -33.42 -22.79
CA LYS B 152 -23.55 -34.31 -22.14
C LYS B 152 -23.17 -35.77 -22.38
N ALA B 153 -22.98 -36.15 -23.65
CA ALA B 153 -22.62 -37.53 -23.97
C ALA B 153 -21.38 -37.99 -23.21
N LEU B 154 -20.45 -37.08 -22.95
CA LEU B 154 -19.33 -37.43 -22.08
C LEU B 154 -19.78 -37.55 -20.63
N TRP B 155 -20.61 -36.61 -20.18
CA TRP B 155 -21.14 -36.63 -18.81
C TRP B 155 -21.94 -37.89 -18.52
N GLU B 156 -22.32 -38.65 -19.55
CA GLU B 156 -23.07 -39.88 -19.32
C GLU B 156 -22.15 -41.08 -19.13
N ASP B 157 -20.97 -41.05 -19.73
CA ASP B 157 -20.03 -42.15 -19.54
C ASP B 157 -19.62 -42.27 -18.09
N GLU B 158 -19.32 -43.50 -17.67
CA GLU B 158 -18.97 -43.75 -16.28
C GLU B 158 -17.46 -43.72 -16.03
N GLY B 159 -16.64 -43.89 -17.05
CA GLY B 159 -15.24 -43.54 -16.92
C GLY B 159 -15.06 -42.06 -16.66
N VAL B 160 -15.85 -41.23 -17.33
CA VAL B 160 -15.93 -39.81 -17.01
C VAL B 160 -16.36 -39.61 -15.56
N ARG B 161 -17.26 -40.47 -15.08
CA ARG B 161 -17.73 -40.35 -13.70
C ARG B 161 -16.63 -40.67 -12.72
N ALA B 162 -15.89 -41.75 -12.95
CA ALA B 162 -14.76 -42.07 -12.10
C ALA B 162 -13.66 -41.03 -12.20
N CYS B 163 -13.56 -40.37 -13.36
CA CYS B 163 -12.67 -39.22 -13.45
C CYS B 163 -13.11 -38.12 -12.51
N TYR B 164 -14.40 -37.77 -12.55
CA TYR B 164 -14.89 -36.68 -11.71
C TYR B 164 -14.75 -37.00 -10.23
N GLU B 165 -15.04 -38.25 -9.83
CA GLU B 165 -15.01 -38.57 -8.42
C GLU B 165 -13.64 -38.33 -7.81
N ARG B 166 -12.60 -38.36 -8.61
CA ARG B 166 -11.26 -38.03 -8.14
C ARG B 166 -10.94 -36.55 -8.40
N SER B 167 -11.83 -35.67 -7.98
CA SER B 167 -11.66 -34.25 -8.23
C SER B 167 -10.72 -33.59 -7.24
N ASN B 168 -10.15 -34.34 -6.30
CA ASN B 168 -9.25 -33.74 -5.33
C ASN B 168 -7.80 -33.70 -5.80
N GLU B 169 -7.40 -34.61 -6.68
CA GLU B 169 -6.02 -34.67 -7.14
C GLU B 169 -5.71 -33.63 -8.22
N TYR B 170 -6.67 -32.78 -8.56
CA TYR B 170 -6.45 -31.70 -9.50
C TYR B 170 -7.42 -30.58 -9.20
N GLN B 171 -7.07 -29.37 -9.64
CA GLN B 171 -7.93 -28.21 -9.42
C GLN B 171 -9.19 -28.35 -10.25
N LEU B 172 -10.32 -27.96 -9.67
CA LEU B 172 -11.62 -28.03 -10.35
C LEU B 172 -12.58 -27.12 -9.64
N ILE B 173 -13.51 -26.53 -10.39
CA ILE B 173 -14.50 -25.65 -9.80
C ILE B 173 -15.56 -26.49 -9.11
N ASP B 174 -16.14 -25.93 -8.04
CA ASP B 174 -17.06 -26.66 -7.19
C ASP B 174 -18.46 -26.79 -7.79
N CYS B 175 -18.79 -26.03 -8.81
CA CYS B 175 -20.13 -26.03 -9.38
C CYS B 175 -20.13 -26.72 -10.73
N ALA B 176 -19.34 -27.78 -10.85
CA ALA B 176 -19.26 -28.52 -12.09
C ALA B 176 -20.40 -29.53 -12.24
N GLN B 177 -20.44 -30.52 -11.36
CA GLN B 177 -21.46 -31.55 -11.44
C GLN B 177 -22.85 -30.95 -11.38
N TYR B 178 -23.02 -29.84 -10.66
CA TYR B 178 -24.29 -29.17 -10.62
C TYR B 178 -24.64 -28.60 -11.99
N PHE B 179 -23.79 -27.71 -12.49
CA PHE B 179 -24.12 -26.96 -13.69
C PHE B 179 -24.21 -27.84 -14.93
N LEU B 180 -23.43 -28.91 -15.00
CA LEU B 180 -23.61 -29.85 -16.11
C LEU B 180 -25.06 -30.29 -16.20
N ASP B 181 -25.59 -30.82 -15.10
CA ASP B 181 -26.94 -31.35 -15.08
C ASP B 181 -27.96 -30.24 -15.30
N LYS B 182 -27.80 -29.11 -14.61
CA LYS B 182 -28.78 -28.05 -14.69
C LYS B 182 -28.77 -27.30 -16.02
N ILE B 183 -27.66 -27.28 -16.75
CA ILE B 183 -27.60 -26.61 -18.03
C ILE B 183 -27.97 -27.53 -19.17
N ASP B 184 -27.87 -28.85 -18.99
CA ASP B 184 -28.47 -29.76 -19.95
C ASP B 184 -29.91 -29.36 -20.27
N VAL B 185 -30.61 -28.78 -19.30
CA VAL B 185 -32.00 -28.37 -19.51
C VAL B 185 -32.06 -27.12 -20.38
N ILE B 186 -31.06 -26.24 -20.26
CA ILE B 186 -31.12 -24.93 -20.90
C ILE B 186 -30.26 -24.97 -22.16
N LYS B 187 -30.21 -26.14 -22.82
CA LYS B 187 -29.65 -26.19 -24.16
C LYS B 187 -30.30 -25.18 -25.10
N GLN B 188 -31.51 -24.72 -24.76
CA GLN B 188 -32.16 -23.70 -25.56
C GLN B 188 -31.57 -22.33 -25.23
N ASP B 189 -32.20 -21.29 -25.77
CA ASP B 189 -31.66 -19.94 -25.73
C ASP B 189 -32.52 -18.96 -24.94
N ASP B 190 -33.82 -19.20 -24.83
CA ASP B 190 -34.75 -18.21 -24.28
C ASP B 190 -35.04 -18.47 -22.80
N TYR B 191 -34.05 -18.88 -22.02
CA TYR B 191 -34.22 -19.05 -20.59
C TYR B 191 -33.18 -18.24 -19.82
N VAL B 192 -33.64 -17.63 -18.74
CA VAL B 192 -32.77 -16.95 -17.79
C VAL B 192 -32.70 -17.80 -16.52
N PRO B 193 -31.52 -17.99 -15.93
CA PRO B 193 -31.39 -18.96 -14.86
C PRO B 193 -31.83 -18.37 -13.52
N SER B 194 -32.31 -19.25 -12.66
CA SER B 194 -32.85 -18.85 -11.37
C SER B 194 -31.75 -18.34 -10.45
N ASP B 195 -32.16 -17.84 -9.30
CA ASP B 195 -31.23 -17.40 -8.28
C ASP B 195 -30.29 -18.51 -7.82
N GLN B 196 -30.79 -19.74 -7.74
CA GLN B 196 -29.91 -20.84 -7.36
C GLN B 196 -28.75 -20.97 -8.33
N ASP B 197 -29.01 -20.80 -9.62
CA ASP B 197 -27.92 -20.84 -10.60
C ASP B 197 -27.03 -19.63 -10.49
N LEU B 198 -27.59 -18.48 -10.15
CA LEU B 198 -26.82 -17.26 -9.99
C LEU B 198 -25.94 -17.29 -8.75
N LEU B 199 -26.25 -18.13 -7.78
CA LEU B 199 -25.43 -18.21 -6.57
C LEU B 199 -24.35 -19.26 -6.65
N ARG B 200 -24.55 -20.32 -7.42
CA ARG B 200 -23.49 -21.26 -7.71
C ARG B 200 -22.61 -20.81 -8.85
N CYS B 201 -22.83 -19.60 -9.37
CA CYS B 201 -21.99 -19.07 -10.45
C CYS B 201 -20.61 -18.73 -9.93
N ARG B 202 -19.58 -19.27 -10.58
CA ARG B 202 -18.20 -19.13 -10.13
C ARG B 202 -17.50 -18.10 -11.00
N VAL B 203 -17.48 -16.85 -10.53
CA VAL B 203 -16.76 -15.76 -11.17
C VAL B 203 -15.66 -15.33 -10.21
N LEU B 204 -14.49 -15.02 -10.75
CA LEU B 204 -13.35 -14.74 -9.91
C LEU B 204 -13.42 -13.31 -9.36
N THR B 205 -12.96 -13.15 -8.12
CA THR B 205 -12.95 -11.85 -7.46
C THR B 205 -11.57 -11.24 -7.59
N SER B 206 -11.51 -10.03 -8.13
CA SER B 206 -10.25 -9.30 -8.37
C SER B 206 -10.40 -7.89 -7.84
N GLY B 207 -10.13 -7.71 -6.56
CA GLY B 207 -10.15 -6.38 -5.97
C GLY B 207 -11.35 -6.14 -5.10
N ILE B 208 -11.23 -5.10 -4.27
CA ILE B 208 -12.23 -4.76 -3.27
C ILE B 208 -13.54 -4.39 -3.96
N PHE B 209 -14.59 -5.12 -3.66
CA PHE B 209 -15.93 -4.82 -4.14
C PHE B 209 -16.76 -4.37 -2.95
N GLU B 210 -17.01 -3.07 -2.88
CA GLU B 210 -17.77 -2.51 -1.77
C GLU B 210 -19.26 -2.57 -2.08
N THR B 211 -20.00 -3.38 -1.33
CA THR B 211 -21.42 -3.58 -1.59
C THR B 211 -22.20 -3.18 -0.35
N LYS B 212 -23.23 -2.36 -0.55
CA LYS B 212 -24.04 -1.85 0.53
C LYS B 212 -25.38 -2.56 0.57
N PHE B 213 -26.02 -2.50 1.74
CA PHE B 213 -27.38 -3.00 1.91
C PHE B 213 -27.86 -2.59 3.29
N GLN B 214 -29.18 -2.56 3.46
CA GLN B 214 -29.79 -2.15 4.71
C GLN B 214 -30.57 -3.32 5.31
N VAL B 215 -30.68 -3.34 6.63
CA VAL B 215 -31.38 -4.39 7.36
C VAL B 215 -32.23 -3.72 8.41
N ASP B 216 -33.54 -3.65 8.17
CA ASP B 216 -34.53 -3.01 9.04
C ASP B 216 -33.96 -1.79 9.76
N LYS B 217 -33.55 -0.80 8.97
CA LYS B 217 -33.09 0.50 9.48
C LYS B 217 -31.75 0.36 10.18
N VAL B 218 -30.90 -0.52 9.68
CA VAL B 218 -29.49 -0.58 10.05
C VAL B 218 -28.69 -0.64 8.75
N ASN B 219 -27.80 0.33 8.57
CA ASN B 219 -26.99 0.34 7.36
C ASN B 219 -25.95 -0.76 7.41
N PHE B 220 -25.47 -1.14 6.24
CA PHE B 220 -24.48 -2.21 6.13
C PHE B 220 -23.65 -1.97 4.89
N HIS B 221 -22.34 -2.08 5.06
CA HIS B 221 -21.39 -1.80 3.98
C HIS B 221 -20.31 -2.87 4.09
N MET B 222 -20.39 -3.89 3.25
CA MET B 222 -19.45 -5.00 3.31
C MET B 222 -18.49 -4.92 2.14
N PHE B 223 -17.35 -5.59 2.27
CA PHE B 223 -16.27 -5.54 1.29
C PHE B 223 -15.96 -6.95 0.81
N ASP B 224 -16.57 -7.37 -0.29
CA ASP B 224 -16.16 -8.63 -0.89
C ASP B 224 -14.73 -8.48 -1.39
N VAL B 225 -13.89 -9.48 -1.16
CA VAL B 225 -12.48 -9.38 -1.47
C VAL B 225 -12.02 -10.68 -2.10
N GLY B 226 -11.06 -10.59 -3.02
CA GLY B 226 -10.42 -11.79 -3.52
C GLY B 226 -9.59 -12.48 -2.46
N GLY B 227 -9.21 -13.72 -2.75
CA GLY B 227 -8.52 -14.50 -1.77
C GLY B 227 -7.33 -15.27 -2.28
N GLN B 228 -7.16 -15.34 -3.60
CA GLN B 228 -5.98 -16.00 -4.14
C GLN B 228 -4.72 -15.32 -3.63
N ARG B 229 -3.58 -15.97 -3.83
CA ARG B 229 -2.35 -15.43 -3.26
C ARG B 229 -2.03 -14.05 -3.82
N ASP B 230 -2.30 -13.83 -5.11
CA ASP B 230 -2.02 -12.53 -5.73
C ASP B 230 -2.91 -11.43 -5.19
N GLU B 231 -4.05 -11.77 -4.62
CA GLU B 231 -4.95 -10.74 -4.11
C GLU B 231 -4.67 -10.37 -2.67
N ARG B 232 -3.99 -11.24 -1.92
CA ARG B 232 -3.88 -11.06 -0.48
C ARG B 232 -3.09 -9.82 -0.09
N ARG B 233 -2.54 -9.11 -1.06
CA ARG B 233 -1.95 -7.81 -0.72
C ARG B 233 -3.00 -6.72 -0.71
N LYS B 234 -4.14 -6.95 -1.33
CA LYS B 234 -5.19 -5.95 -1.42
C LYS B 234 -6.03 -5.86 -0.14
N TRP B 235 -5.99 -6.88 0.71
CA TRP B 235 -6.80 -6.88 1.92
C TRP B 235 -6.44 -5.70 2.80
N ILE B 236 -5.16 -5.52 3.08
CA ILE B 236 -4.71 -4.55 4.07
C ILE B 236 -5.08 -3.12 3.73
N GLN B 237 -5.65 -2.90 2.55
CA GLN B 237 -6.22 -1.59 2.28
C GLN B 237 -7.41 -1.32 3.18
N CYS B 238 -8.36 -2.27 3.24
CA CYS B 238 -9.63 -2.07 3.91
C CYS B 238 -9.64 -2.60 5.34
N PHE B 239 -8.50 -2.70 5.99
CA PHE B 239 -8.42 -2.98 7.42
C PHE B 239 -8.67 -1.77 8.27
N ASN B 240 -9.15 -0.67 7.69
CA ASN B 240 -9.37 0.54 8.47
C ASN B 240 -10.79 0.57 9.02
N ASP B 241 -10.88 0.74 10.34
CA ASP B 241 -12.13 0.79 11.10
C ASP B 241 -13.19 -0.17 10.58
N VAL B 242 -12.78 -1.36 10.24
CA VAL B 242 -13.72 -2.40 9.84
C VAL B 242 -14.32 -2.99 11.10
N THR B 243 -15.60 -3.36 11.06
CA THR B 243 -16.28 -3.79 12.27
C THR B 243 -16.11 -5.28 12.52
N ALA B 244 -16.48 -6.12 11.56
CA ALA B 244 -16.36 -7.54 11.78
C ALA B 244 -15.82 -8.20 10.53
N ILE B 245 -15.07 -9.26 10.72
CA ILE B 245 -14.30 -9.87 9.65
C ILE B 245 -14.88 -11.25 9.40
N ILE B 246 -15.91 -11.31 8.56
CA ILE B 246 -16.49 -12.61 8.23
C ILE B 246 -15.44 -13.40 7.50
N PHE B 247 -14.87 -14.40 8.18
CA PHE B 247 -13.76 -15.15 7.63
C PHE B 247 -14.29 -16.46 7.08
N VAL B 248 -14.54 -16.50 5.78
CA VAL B 248 -15.15 -17.65 5.14
C VAL B 248 -14.09 -18.74 4.96
N VAL B 249 -14.50 -19.99 5.12
CA VAL B 249 -13.60 -21.15 4.99
C VAL B 249 -14.38 -22.26 4.30
N ALA B 250 -13.69 -23.02 3.46
CA ALA B 250 -14.33 -24.13 2.75
C ALA B 250 -14.03 -25.43 3.49
N SER B 251 -14.95 -25.86 4.36
CA SER B 251 -14.72 -27.06 5.15
C SER B 251 -14.65 -28.30 4.30
N SER B 252 -15.27 -28.32 3.14
CA SER B 252 -15.15 -29.47 2.25
C SER B 252 -13.86 -29.46 1.46
N SER B 253 -13.04 -28.43 1.63
CA SER B 253 -11.73 -28.34 0.97
C SER B 253 -10.62 -28.78 1.90
N TYR B 254 -10.76 -29.94 2.53
CA TYR B 254 -9.69 -30.45 3.36
C TYR B 254 -8.84 -31.47 2.64
N ASN B 255 -9.35 -32.06 1.56
CA ASN B 255 -8.63 -33.07 0.82
C ASN B 255 -8.17 -32.58 -0.54
N MET B 256 -8.22 -31.28 -0.79
CA MET B 256 -7.76 -30.74 -2.06
C MET B 256 -6.58 -29.81 -1.86
N VAL B 257 -5.96 -29.43 -2.97
CA VAL B 257 -4.79 -28.58 -2.97
C VAL B 257 -5.13 -27.24 -3.61
N ILE B 258 -4.35 -26.23 -3.26
CA ILE B 258 -4.66 -24.87 -3.69
C ILE B 258 -4.23 -24.68 -5.14
N ARG B 259 -4.87 -23.70 -5.78
CA ARG B 259 -4.50 -23.30 -7.13
C ARG B 259 -3.29 -22.40 -7.18
N GLU B 260 -2.64 -22.16 -6.04
CA GLU B 260 -1.37 -21.46 -6.04
C GLU B 260 -0.26 -22.37 -6.54
N ASP B 261 -0.07 -23.52 -5.90
CA ASP B 261 1.05 -24.38 -6.22
C ASP B 261 0.70 -25.87 -6.23
N ASN B 262 -0.57 -26.24 -6.10
CA ASN B 262 -1.01 -27.63 -6.11
C ASN B 262 -0.23 -28.50 -5.14
N GLN B 263 0.35 -27.91 -4.10
CA GLN B 263 1.16 -28.65 -3.15
C GLN B 263 0.90 -28.27 -1.71
N THR B 264 -0.18 -27.54 -1.43
CA THR B 264 -0.55 -27.17 -0.06
C THR B 264 -1.99 -27.59 0.17
N ASN B 265 -2.24 -28.28 1.27
CA ASN B 265 -3.58 -28.74 1.58
C ASN B 265 -4.50 -27.54 1.81
N ARG B 266 -5.55 -27.44 0.99
CA ARG B 266 -6.40 -26.26 0.98
C ARG B 266 -6.75 -25.82 2.38
N LEU B 267 -7.08 -26.76 3.25
CA LEU B 267 -7.47 -26.40 4.60
C LEU B 267 -6.27 -26.03 5.46
N GLN B 268 -5.13 -26.70 5.27
CA GLN B 268 -3.93 -26.26 5.98
C GLN B 268 -3.57 -24.84 5.57
N GLU B 269 -3.75 -24.52 4.29
CA GLU B 269 -3.53 -23.15 3.84
C GLU B 269 -4.51 -22.19 4.49
N ALA B 270 -5.78 -22.57 4.57
CA ALA B 270 -6.76 -21.69 5.22
C ALA B 270 -6.40 -21.48 6.68
N LEU B 271 -5.89 -22.51 7.35
CA LEU B 271 -5.49 -22.34 8.74
C LEU B 271 -4.29 -21.42 8.87
N ASN B 272 -3.33 -21.54 7.95
CA ASN B 272 -2.19 -20.62 7.97
C ASN B 272 -2.66 -19.19 7.76
N LEU B 273 -3.59 -18.98 6.85
CA LEU B 273 -4.10 -17.63 6.62
C LEU B 273 -4.87 -17.12 7.81
N PHE B 274 -5.64 -17.98 8.48
CA PHE B 274 -6.34 -17.54 9.67
C PHE B 274 -5.38 -17.16 10.77
N LYS B 275 -4.32 -17.94 10.97
CA LYS B 275 -3.32 -17.56 11.95
C LYS B 275 -2.67 -16.25 11.56
N SER B 276 -2.54 -16.01 10.25
CA SER B 276 -1.86 -14.80 9.80
C SER B 276 -2.70 -13.56 10.03
N ILE B 277 -4.02 -13.65 9.84
CA ILE B 277 -4.85 -12.46 10.07
C ILE B 277 -5.36 -12.39 11.49
N TRP B 278 -5.21 -13.44 12.28
CA TRP B 278 -5.64 -13.40 13.66
C TRP B 278 -4.71 -12.51 14.48
N ASN B 279 -3.41 -12.60 14.22
CA ASN B 279 -2.42 -11.82 14.94
C ASN B 279 -2.01 -10.56 14.20
N ASN B 280 -2.70 -10.23 13.11
CA ASN B 280 -2.33 -9.10 12.27
C ASN B 280 -2.42 -7.81 13.06
N ARG B 281 -1.28 -7.19 13.34
CA ARG B 281 -1.22 -6.14 14.36
C ARG B 281 -2.16 -4.98 14.07
N TRP B 282 -2.92 -5.01 12.98
CA TRP B 282 -4.00 -4.08 12.78
C TRP B 282 -5.36 -4.70 13.09
N LEU B 283 -5.40 -6.00 13.40
CA LEU B 283 -6.64 -6.72 13.68
C LEU B 283 -6.59 -7.42 15.03
N ARG B 284 -5.76 -6.92 15.95
CA ARG B 284 -5.79 -7.39 17.32
C ARG B 284 -6.82 -6.64 18.14
N THR B 285 -7.89 -6.17 17.50
CA THR B 285 -8.97 -5.52 18.22
C THR B 285 -10.32 -5.78 17.57
N ILE B 286 -10.36 -6.55 16.49
CA ILE B 286 -11.57 -6.71 15.69
C ILE B 286 -11.96 -8.18 15.67
N SER B 287 -13.20 -8.46 16.02
CA SER B 287 -13.65 -9.83 16.16
C SER B 287 -13.76 -10.50 14.81
N VAL B 288 -13.52 -11.79 14.78
CA VAL B 288 -13.44 -12.56 13.54
C VAL B 288 -14.63 -13.51 13.52
N ILE B 289 -15.72 -13.09 12.91
CA ILE B 289 -16.91 -13.93 12.91
C ILE B 289 -16.65 -15.07 11.94
N LEU B 290 -15.99 -16.10 12.42
CA LEU B 290 -15.58 -17.17 11.53
C LEU B 290 -16.82 -17.81 10.90
N PHE B 291 -16.68 -18.25 9.67
CA PHE B 291 -17.65 -19.14 9.05
C PHE B 291 -16.96 -20.43 8.69
N LEU B 292 -17.75 -21.45 8.40
CA LEU B 292 -17.21 -22.69 7.85
C LEU B 292 -18.14 -23.08 6.72
N ASN B 293 -17.91 -22.47 5.56
CA ASN B 293 -18.81 -22.58 4.43
C ASN B 293 -18.70 -23.96 3.79
N LYS B 294 -19.55 -24.20 2.80
CA LYS B 294 -19.59 -25.46 2.08
C LYS B 294 -19.83 -26.64 3.03
N GLN B 295 -21.00 -26.60 3.68
CA GLN B 295 -21.31 -27.69 4.60
C GLN B 295 -21.76 -28.95 3.86
N ASP B 296 -22.66 -28.80 2.89
CA ASP B 296 -23.24 -29.98 2.25
C ASP B 296 -22.18 -30.76 1.50
N LEU B 297 -21.23 -30.09 0.86
CA LEU B 297 -20.15 -30.79 0.20
C LEU B 297 -19.35 -31.59 1.21
N LEU B 298 -19.10 -31.00 2.38
CA LEU B 298 -18.39 -31.71 3.44
C LEU B 298 -19.16 -32.94 3.86
N ALA B 299 -20.47 -32.80 4.03
CA ALA B 299 -21.30 -33.93 4.43
C ALA B 299 -21.24 -35.04 3.40
N GLU B 300 -21.41 -34.70 2.14
CA GLU B 300 -21.31 -35.71 1.09
C GLU B 300 -19.95 -36.38 1.08
N LYS B 301 -18.88 -35.62 1.33
CA LYS B 301 -17.55 -36.22 1.32
C LYS B 301 -17.39 -37.21 2.46
N VAL B 302 -17.82 -36.83 3.66
CA VAL B 302 -17.64 -37.73 4.80
C VAL B 302 -18.51 -38.97 4.64
N LEU B 303 -19.80 -38.79 4.35
CA LEU B 303 -20.66 -39.95 4.14
C LEU B 303 -20.28 -40.74 2.89
N ALA B 304 -19.44 -40.18 2.01
CA ALA B 304 -18.97 -40.97 0.88
C ALA B 304 -18.05 -42.08 1.33
N GLY B 305 -17.34 -41.89 2.44
CA GLY B 305 -16.45 -42.91 2.94
C GLY B 305 -15.19 -43.11 2.13
N LYS B 306 -15.03 -42.41 1.00
CA LYS B 306 -13.82 -42.57 0.21
C LYS B 306 -12.67 -41.76 0.77
N SER B 307 -12.94 -40.54 1.24
CA SER B 307 -11.89 -39.70 1.81
C SER B 307 -11.64 -40.07 3.26
N LYS B 308 -10.39 -39.93 3.68
CA LYS B 308 -9.99 -40.16 5.07
C LYS B 308 -9.36 -38.88 5.59
N ILE B 309 -10.09 -38.19 6.47
CA ILE B 309 -9.55 -36.98 7.08
C ILE B 309 -8.32 -37.30 7.91
N GLU B 310 -8.33 -38.45 8.58
CA GLU B 310 -7.15 -38.89 9.32
C GLU B 310 -5.97 -39.14 8.42
N ASP B 311 -6.21 -39.48 7.15
CA ASP B 311 -5.13 -39.58 6.18
C ASP B 311 -4.57 -38.22 5.81
N TYR B 312 -5.41 -37.19 5.75
CA TYR B 312 -4.96 -35.83 5.49
C TYR B 312 -4.50 -35.12 6.74
N PHE B 313 -5.19 -35.35 7.86
CA PHE B 313 -4.84 -34.72 9.12
C PHE B 313 -4.70 -35.79 10.18
N PRO B 314 -3.52 -35.97 10.78
CA PRO B 314 -3.32 -37.10 11.69
C PRO B 314 -4.04 -36.96 13.02
N GLU B 315 -4.29 -35.72 13.47
CA GLU B 315 -4.89 -35.50 14.78
C GLU B 315 -6.40 -35.63 14.77
N PHE B 316 -6.95 -36.38 13.82
CA PHE B 316 -8.36 -36.71 13.83
C PHE B 316 -8.64 -38.10 14.38
N ALA B 317 -7.72 -39.03 14.20
CA ALA B 317 -7.92 -40.38 14.75
C ALA B 317 -8.01 -40.34 16.27
N ARG B 318 -7.15 -39.56 16.91
CA ARG B 318 -7.19 -39.38 18.36
C ARG B 318 -8.00 -38.15 18.76
N TYR B 319 -9.06 -37.85 18.02
CA TYR B 319 -9.95 -36.75 18.34
C TYR B 319 -11.31 -37.27 18.77
N THR B 320 -11.88 -36.65 19.80
CA THR B 320 -13.16 -37.07 20.35
C THR B 320 -14.22 -36.02 20.07
N THR B 321 -15.46 -36.47 20.02
CA THR B 321 -16.56 -35.53 19.82
C THR B 321 -16.76 -34.70 21.08
N PRO B 322 -16.83 -33.38 20.95
CA PRO B 322 -17.06 -32.52 22.12
C PRO B 322 -18.53 -32.45 22.48
N GLU B 323 -18.79 -32.24 23.77
CA GLU B 323 -20.13 -32.30 24.32
C GLU B 323 -20.97 -31.09 23.94
N ASP B 324 -20.34 -29.98 23.57
CA ASP B 324 -21.08 -28.79 23.16
C ASP B 324 -21.72 -28.94 21.79
N ALA B 325 -21.78 -30.15 21.26
CA ALA B 325 -22.36 -30.37 19.94
C ALA B 325 -23.83 -30.00 19.94
N THR B 326 -24.24 -29.17 18.98
CA THR B 326 -25.63 -28.76 18.80
C THR B 326 -26.09 -29.09 17.40
N PRO B 327 -26.10 -30.38 17.03
CA PRO B 327 -26.48 -30.74 15.66
C PRO B 327 -27.98 -30.90 15.50
N GLU B 328 -28.43 -30.63 14.29
CA GLU B 328 -29.84 -30.81 13.96
C GLU B 328 -30.19 -32.29 14.03
N PRO B 329 -31.48 -32.60 14.18
CA PRO B 329 -31.88 -34.01 14.16
C PRO B 329 -31.56 -34.64 12.81
N GLY B 330 -31.25 -35.93 12.84
CA GLY B 330 -30.87 -36.64 11.63
C GLY B 330 -29.57 -36.13 11.05
N GLU B 331 -28.55 -36.01 11.89
CA GLU B 331 -27.26 -35.50 11.47
C GLU B 331 -26.19 -36.48 11.93
N ASP B 332 -25.43 -37.01 10.99
CA ASP B 332 -24.58 -38.16 11.27
C ASP B 332 -23.54 -37.79 12.34
N PRO B 333 -23.37 -38.62 13.37
CA PRO B 333 -22.32 -38.36 14.36
C PRO B 333 -20.91 -38.32 13.77
N ARG B 334 -20.65 -39.03 12.67
CA ARG B 334 -19.34 -38.94 12.04
C ARG B 334 -19.13 -37.57 11.41
N VAL B 335 -20.09 -37.12 10.59
CA VAL B 335 -20.01 -35.79 10.00
C VAL B 335 -19.96 -34.74 11.09
N THR B 336 -20.72 -34.94 12.16
CA THR B 336 -20.74 -33.94 13.23
C THR B 336 -19.40 -33.87 13.93
N ARG B 337 -18.84 -35.04 14.25
CA ARG B 337 -17.50 -35.08 14.81
C ARG B 337 -16.49 -34.41 13.90
N ALA B 338 -16.63 -34.58 12.58
CA ALA B 338 -15.68 -34.00 11.64
C ALA B 338 -15.79 -32.48 11.61
N LYS B 339 -17.01 -31.99 11.41
CA LYS B 339 -17.19 -30.55 11.32
C LYS B 339 -16.76 -29.87 12.61
N TYR B 340 -17.01 -30.52 13.75
CA TYR B 340 -16.51 -29.92 14.97
C TYR B 340 -15.02 -30.09 15.13
N PHE B 341 -14.42 -31.11 14.54
CA PHE B 341 -12.96 -31.20 14.55
C PHE B 341 -12.34 -30.02 13.83
N ILE B 342 -12.91 -29.67 12.68
CA ILE B 342 -12.40 -28.51 11.95
C ILE B 342 -12.67 -27.22 12.73
N ARG B 343 -13.84 -27.13 13.35
CA ARG B 343 -14.10 -25.98 14.20
C ARG B 343 -13.09 -25.89 15.32
N ASP B 344 -12.67 -27.02 15.88
CA ASP B 344 -11.66 -27.00 16.93
C ASP B 344 -10.31 -26.61 16.38
N GLU B 345 -9.97 -27.07 15.18
CA GLU B 345 -8.71 -26.68 14.58
C GLU B 345 -8.65 -25.21 14.26
N PHE B 346 -9.80 -24.57 14.03
CA PHE B 346 -9.84 -23.13 13.86
C PHE B 346 -9.91 -22.36 15.16
N LEU B 347 -10.51 -22.96 16.19
CA LEU B 347 -10.62 -22.28 17.48
C LEU B 347 -9.33 -22.36 18.29
N ARG B 348 -8.54 -23.41 18.10
CA ARG B 348 -7.21 -23.45 18.70
C ARG B 348 -6.39 -22.24 18.31
N ILE B 349 -6.48 -21.82 17.06
CA ILE B 349 -5.77 -20.63 16.60
C ILE B 349 -6.24 -19.40 17.37
N SER B 350 -7.52 -19.38 17.75
CA SER B 350 -8.09 -18.27 18.47
C SER B 350 -8.02 -18.46 19.97
N THR B 351 -7.32 -19.49 20.43
CA THR B 351 -7.12 -19.73 21.85
C THR B 351 -5.73 -19.31 22.32
N ALA B 352 -4.70 -19.68 21.57
CA ALA B 352 -3.33 -19.51 22.01
C ALA B 352 -2.87 -18.06 22.00
N SER B 353 -3.73 -17.11 21.67
CA SER B 353 -3.28 -15.73 21.56
C SER B 353 -4.48 -14.82 21.83
N GLY B 354 -4.36 -13.57 21.42
CA GLY B 354 -5.48 -12.64 21.48
C GLY B 354 -5.61 -11.85 22.76
N ASP B 355 -5.46 -12.51 23.91
CA ASP B 355 -5.52 -11.86 25.20
C ASP B 355 -6.88 -11.20 25.45
N GLY B 356 -7.92 -11.75 24.83
CA GLY B 356 -9.26 -11.27 25.12
C GLY B 356 -9.54 -9.85 24.66
N ARG B 357 -8.85 -9.36 23.62
CA ARG B 357 -9.22 -8.12 22.98
C ARG B 357 -10.13 -8.32 21.78
N HIS B 358 -10.19 -9.53 21.24
CA HIS B 358 -11.01 -9.84 20.08
C HIS B 358 -11.45 -11.29 20.19
N TYR B 359 -12.71 -11.53 19.87
CA TYR B 359 -13.31 -12.84 20.04
C TYR B 359 -13.72 -13.41 18.69
N CYS B 360 -13.38 -14.68 18.47
CA CYS B 360 -13.81 -15.43 17.30
C CYS B 360 -15.13 -16.11 17.61
N TYR B 361 -16.10 -15.95 16.72
CA TYR B 361 -17.47 -16.43 16.96
C TYR B 361 -17.86 -17.41 15.87
N PRO B 362 -17.34 -18.63 15.90
CA PRO B 362 -17.52 -19.54 14.78
C PRO B 362 -18.97 -19.93 14.59
N HIS B 363 -19.39 -19.98 13.34
CA HIS B 363 -20.69 -20.48 12.96
C HIS B 363 -20.50 -21.62 11.98
N PHE B 364 -21.60 -22.07 11.40
CA PHE B 364 -21.60 -23.04 10.33
C PHE B 364 -22.56 -22.52 9.26
N THR B 365 -22.29 -22.87 8.00
CA THR B 365 -23.09 -22.28 6.93
C THR B 365 -22.93 -23.07 5.65
N CYS B 366 -23.96 -23.02 4.82
CA CYS B 366 -23.89 -23.46 3.44
C CYS B 366 -24.36 -22.31 2.57
N ALA B 367 -23.41 -21.65 1.90
CA ALA B 367 -23.70 -20.37 1.25
C ALA B 367 -24.75 -20.48 0.17
N VAL B 368 -24.97 -21.67 -0.39
CA VAL B 368 -26.00 -21.86 -1.40
C VAL B 368 -27.33 -22.30 -0.80
N ASP B 369 -27.52 -22.10 0.50
CA ASP B 369 -28.76 -22.42 1.18
C ASP B 369 -29.28 -21.15 1.82
N THR B 370 -30.17 -20.47 1.10
CA THR B 370 -30.57 -19.11 1.49
C THR B 370 -31.06 -19.06 2.92
N GLU B 371 -31.82 -20.07 3.35
CA GLU B 371 -32.29 -20.09 4.73
C GLU B 371 -31.15 -20.22 5.71
N ASN B 372 -30.13 -21.00 5.36
CA ASN B 372 -28.98 -21.14 6.24
C ASN B 372 -28.31 -19.81 6.46
N ILE B 373 -28.09 -19.05 5.38
CA ILE B 373 -27.51 -17.72 5.52
C ILE B 373 -28.45 -16.80 6.28
N ARG B 374 -29.76 -16.95 6.09
CA ARG B 374 -30.71 -16.12 6.82
C ARG B 374 -30.55 -16.31 8.33
N ARG B 375 -30.55 -17.56 8.77
CA ARG B 375 -30.44 -17.83 10.20
C ARG B 375 -29.08 -17.36 10.73
N VAL B 376 -28.00 -17.80 10.09
CA VAL B 376 -26.67 -17.46 10.59
C VAL B 376 -26.40 -15.98 10.50
N PHE B 377 -27.03 -15.27 9.56
CA PHE B 377 -26.82 -13.84 9.50
C PHE B 377 -27.68 -13.08 10.49
N ASN B 378 -28.83 -13.61 10.87
CA ASN B 378 -29.54 -13.03 12.00
C ASN B 378 -28.67 -13.11 13.26
N ASP B 379 -28.09 -14.28 13.50
CA ASP B 379 -27.16 -14.40 14.64
C ASP B 379 -25.97 -13.46 14.47
N CYS B 380 -25.40 -13.40 13.27
CA CYS B 380 -24.35 -12.44 12.98
C CYS B 380 -24.77 -11.02 13.30
N ARG B 381 -26.03 -10.68 13.04
CA ARG B 381 -26.50 -9.33 13.27
C ARG B 381 -26.52 -9.02 14.75
N ASP B 382 -27.00 -9.98 15.55
CA ASP B 382 -26.85 -9.83 17.00
C ASP B 382 -25.40 -9.58 17.38
N ILE B 383 -24.50 -10.43 16.90
CA ILE B 383 -23.11 -10.36 17.36
C ILE B 383 -22.49 -9.03 16.98
N ILE B 384 -22.67 -8.60 15.73
CA ILE B 384 -22.05 -7.35 15.32
C ILE B 384 -22.75 -6.15 15.90
N GLN B 385 -24.02 -6.29 16.31
CA GLN B 385 -24.63 -5.24 17.11
C GLN B 385 -23.89 -5.11 18.43
N ARG B 386 -23.50 -6.24 19.01
CA ARG B 386 -22.76 -6.21 20.26
C ARG B 386 -21.31 -5.75 20.04
N MET B 387 -20.79 -5.94 18.83
CA MET B 387 -19.38 -5.68 18.57
C MET B 387 -19.15 -4.24 18.12
N HIS B 388 -19.86 -3.79 17.10
CA HIS B 388 -19.67 -2.44 16.57
C HIS B 388 -19.76 -1.40 17.68
N LEU B 389 -20.69 -1.57 18.61
CA LEU B 389 -20.87 -0.62 19.70
C LEU B 389 -19.74 -0.66 20.71
N ARG B 390 -18.81 -1.60 20.59
CA ARG B 390 -17.80 -1.82 21.62
C ARG B 390 -16.87 -0.62 21.77
N GLN B 391 -16.66 0.12 20.69
CA GLN B 391 -15.83 1.32 20.70
C GLN B 391 -16.18 2.30 21.83
PG GSP C . -12.46 -16.12 -4.83
O3B GSP C . -13.56 -17.13 -4.26
S1G GSP C . -11.26 -16.97 -5.67
O2G GSP C . -13.16 -15.16 -5.80
O3G GSP C . -11.83 -15.32 -3.69
PB GSP C . -15.02 -16.53 -3.95
O1B GSP C . -14.97 -15.71 -2.73
O2B GSP C . -15.45 -15.72 -5.09
PA GSP C . -16.76 -18.34 -5.02
O1A GSP C . -17.96 -17.52 -5.22
O2A GSP C . -15.91 -18.29 -6.22
O3A GSP C . -15.94 -17.83 -3.75
O5' GSP C . -17.17 -19.84 -4.68
C5' GSP C . -16.34 -20.88 -5.14
C4' GSP C . -17.14 -22.12 -5.51
O4' GSP C . -17.66 -22.74 -4.34
C3' GSP C . -18.34 -21.79 -6.38
O3' GSP C . -18.43 -22.76 -7.38
C2' GSP C . -19.54 -21.95 -5.48
O2' GSP C . -20.56 -22.55 -6.21
C1' GSP C . -19.04 -22.92 -4.45
N9 GSP C . -19.68 -22.70 -3.15
C8 GSP C . -19.59 -21.59 -2.36
N7 GSP C . -20.32 -21.80 -1.25
C5 GSP C . -20.89 -23.02 -1.33
C6 GSP C . -21.73 -23.74 -0.49
O6 GSP C . -22.09 -23.25 0.57
N1 GSP C . -22.15 -24.99 -0.85
C2 GSP C . -21.74 -25.54 -2.04
N2 GSP C . -22.15 -26.75 -2.39
N3 GSP C . -20.91 -24.83 -2.87
C4 GSP C . -20.49 -23.59 -2.52
MG MG D . -14.16 -14.52 -4.33
#